data_2ORH
# 
_entry.id   2ORH 
# 
_audit_conform.dict_name       mmcif_pdbx.dic 
_audit_conform.dict_version    5.377 
_audit_conform.dict_location   http://mmcif.pdb.org/dictionaries/ascii/mmcif_pdbx.dic 
# 
loop_
_database_2.database_id 
_database_2.database_code 
_database_2.pdbx_database_accession 
_database_2.pdbx_DOI 
PDB   2ORH         pdb_00002orh 10.2210/pdb2orh/pdb 
NDB   UD0076       ?            ?                   
RCSB  RCSB041494   ?            ?                   
WWPDB D_1000041494 ?            ?                   
# 
loop_
_pdbx_database_related.db_name 
_pdbx_database_related.db_id 
_pdbx_database_related.details 
_pdbx_database_related.content_type 
PDB 2ORF . unspecified 
PDB 2ORG . unspecified 
# 
_pdbx_database_status.status_code                     REL 
_pdbx_database_status.entry_id                        2ORH 
_pdbx_database_status.recvd_initial_deposition_date   2007-02-02 
_pdbx_database_status.deposit_site                    RCSB 
_pdbx_database_status.process_site                    RCSB 
_pdbx_database_status.status_code_sf                  REL 
_pdbx_database_status.status_code_mr                  ? 
_pdbx_database_status.SG_entry                        ? 
_pdbx_database_status.pdb_format_compatible           Y 
_pdbx_database_status.status_code_cs                  ? 
_pdbx_database_status.methods_development_category    ? 
_pdbx_database_status.status_code_nmr_data            ? 
# 
loop_
_audit_author.name 
_audit_author.pdbx_ordinal 
'Voth, A.R.' 1 
'Hays, F.A.' 2 
'Ho, P.S.'   3 
# 
_citation.id                        primary 
_citation.title                     'Directing macromolecular conformation through halogen bonds.' 
_citation.journal_abbrev            Proc.Natl.Acad.Sci.Usa 
_citation.journal_volume            104 
_citation.page_first                6188 
_citation.page_last                 6193 
_citation.year                      2007 
_citation.journal_id_ASTM           PNASA6 
_citation.country                   US 
_citation.journal_id_ISSN           0027-8424 
_citation.journal_id_CSD            0040 
_citation.book_publisher            ? 
_citation.pdbx_database_id_PubMed   17379665 
_citation.pdbx_database_id_DOI      10.1073/pnas.0610531104 
# 
loop_
_citation_author.citation_id 
_citation_author.name 
_citation_author.ordinal 
_citation_author.identifier_ORCID 
primary 'Voth, A.R.' 1 ? 
primary 'Hays, F.A.' 2 ? 
primary 'Ho, P.S.'   3 ? 
# 
_cell.entry_id           2ORH 
_cell.length_a           65.610 
_cell.length_b           24.170 
_cell.length_c           36.962 
_cell.angle_alpha        90.00 
_cell.angle_beta         110.01 
_cell.angle_gamma        90.00 
_cell.Z_PDB              4 
_cell.pdbx_unique_axis   ? 
_cell.length_a_esd       ? 
_cell.length_b_esd       ? 
_cell.length_c_esd       ? 
_cell.angle_alpha_esd    ? 
_cell.angle_beta_esd     ? 
_cell.angle_gamma_esd    ? 
# 
_symmetry.entry_id                         2ORH 
_symmetry.space_group_name_H-M             'C 1 2 1' 
_symmetry.pdbx_full_space_group_name_H-M   ? 
_symmetry.cell_setting                     ? 
_symmetry.Int_Tables_number                5 
_symmetry.space_group_name_Hall            ? 
# 
loop_
_entity.id 
_entity.type 
_entity.src_method 
_entity.pdbx_description 
_entity.formula_weight 
_entity.pdbx_number_of_molecules 
_entity.pdbx_ec 
_entity.pdbx_mutation 
_entity.pdbx_fragment 
_entity.details 
1 polymer     syn 
;DNA (5'-D(*CP*CP*GP*AP*TP*AP*CP*CP*GP*G)-3')
;
3029.994 1  ? ? ? ? 
2 polymer     syn 
;DNA (5'-D(*CP*CP*GP*GP*TP*AP*(DU)P*CP*GP*G)-3')
;
3046.978 1  ? ? ? ? 
3 non-polymer syn 'SODIUM ION'                                      22.990   2  ? ? ? ? 
4 water       nat water                                             18.015   99 ? ? ? ? 
# 
loop_
_entity_poly.entity_id 
_entity_poly.type 
_entity_poly.nstd_linkage 
_entity_poly.nstd_monomer 
_entity_poly.pdbx_seq_one_letter_code 
_entity_poly.pdbx_seq_one_letter_code_can 
_entity_poly.pdbx_strand_id 
_entity_poly.pdbx_target_identifier 
1 polydeoxyribonucleotide no no '(DC)(DC)(DG)(DA)(DT)(DA)(DC)(DC)(DG)(DG)' CCGATACCGG A ? 
2 polydeoxyribonucleotide no no '(DC)(DC)(DG)(DG)(DT)(DA)(DU)(DC)(DG)(DG)' CCGGTAUCGG B ? 
# 
loop_
_entity_poly_seq.entity_id 
_entity_poly_seq.num 
_entity_poly_seq.mon_id 
_entity_poly_seq.hetero 
1 1  DC n 
1 2  DC n 
1 3  DG n 
1 4  DA n 
1 5  DT n 
1 6  DA n 
1 7  DC n 
1 8  DC n 
1 9  DG n 
1 10 DG n 
2 1  DC n 
2 2  DC n 
2 3  DG n 
2 4  DG n 
2 5  DT n 
2 6  DA n 
2 7  DU n 
2 8  DC n 
2 9  DG n 
2 10 DG n 
# 
_pdbx_entity_src_syn.entity_id              1 
_pdbx_entity_src_syn.pdbx_src_id            1 
_pdbx_entity_src_syn.pdbx_alt_source_flag   sample 
_pdbx_entity_src_syn.pdbx_beg_seq_num       ? 
_pdbx_entity_src_syn.pdbx_end_seq_num       ? 
_pdbx_entity_src_syn.organism_scientific    ? 
_pdbx_entity_src_syn.organism_common_name   ? 
_pdbx_entity_src_syn.ncbi_taxonomy_id       ? 
_pdbx_entity_src_syn.details                'Synthetically prepared decanucleotide sequences.' 
# 
loop_
_struct_ref.id 
_struct_ref.entity_id 
_struct_ref.db_name 
_struct_ref.db_code 
_struct_ref.pdbx_db_accession 
_struct_ref.pdbx_db_isoform 
_struct_ref.pdbx_seq_one_letter_code 
_struct_ref.pdbx_align_begin 
1 1 PDB 2ORH 2ORH ? ? ? 
2 2 PDB 2ORH 2ORH ? ? ? 
# 
loop_
_struct_ref_seq.align_id 
_struct_ref_seq.ref_id 
_struct_ref_seq.pdbx_PDB_id_code 
_struct_ref_seq.pdbx_strand_id 
_struct_ref_seq.seq_align_beg 
_struct_ref_seq.pdbx_seq_align_beg_ins_code 
_struct_ref_seq.seq_align_end 
_struct_ref_seq.pdbx_seq_align_end_ins_code 
_struct_ref_seq.pdbx_db_accession 
_struct_ref_seq.db_align_beg 
_struct_ref_seq.pdbx_db_align_beg_ins_code 
_struct_ref_seq.db_align_end 
_struct_ref_seq.pdbx_db_align_end_ins_code 
_struct_ref_seq.pdbx_auth_seq_align_beg 
_struct_ref_seq.pdbx_auth_seq_align_end 
1 1 2ORH A 1 ? 10 ? 2ORH 1  ? 10 ? 1  10 
2 2 2ORH B 1 ? 10 ? 2ORH 11 ? 20 ? 11 20 
# 
loop_
_chem_comp.id 
_chem_comp.type 
_chem_comp.mon_nstd_flag 
_chem_comp.name 
_chem_comp.pdbx_synonyms 
_chem_comp.formula 
_chem_comp.formula_weight 
DA  'DNA linking' y "2'-DEOXYADENOSINE-5'-MONOPHOSPHATE" ? 'C10 H14 N5 O6 P' 331.222 
DC  'DNA linking' y "2'-DEOXYCYTIDINE-5'-MONOPHOSPHATE"  ? 'C9 H14 N3 O7 P'  307.197 
DG  'DNA linking' y "2'-DEOXYGUANOSINE-5'-MONOPHOSPHATE" ? 'C10 H14 N5 O7 P' 347.221 
DT  'DNA linking' y "THYMIDINE-5'-MONOPHOSPHATE"         ? 'C10 H15 N2 O8 P' 322.208 
DU  'DNA linking' y "2'-DEOXYURIDINE-5'-MONOPHOSPHATE"   ? 'C9 H13 N2 O8 P'  308.182 
HOH non-polymer   . WATER                                ? 'H2 O'            18.015  
NA  non-polymer   . 'SODIUM ION'                         ? 'Na 1'            22.990  
# 
_exptl.entry_id          2ORH 
_exptl.method            'X-RAY DIFFRACTION' 
_exptl.crystals_number   1 
# 
_exptl_crystal.id                    1 
_exptl_crystal.density_meas          ? 
_exptl_crystal.density_Matthews      2.17 
_exptl_crystal.density_percent_sol   43.28 
_exptl_crystal.description           ? 
_exptl_crystal.F_000                 ? 
_exptl_crystal.preparation           ? 
# 
_exptl_crystal_grow.crystal_id      1 
_exptl_crystal_grow.method          'VAPOR DIFFUSION, SITTING DROP' 
_exptl_crystal_grow.temp            298 
_exptl_crystal_grow.temp_details    ? 
_exptl_crystal_grow.pH              7.0 
_exptl_crystal_grow.pdbx_details    
;25 mM sodium cacodylate, 20 mM calcium chloride, 1.0 mM spermine, and 0.35 mM of each DNA strand., pH 7.0, VAPOR DIFFUSION, SITTING DROP, temperature 298K
;
_exptl_crystal_grow.pdbx_pH_range   . 
# 
loop_
_exptl_crystal_grow_comp.crystal_id 
_exptl_crystal_grow_comp.id 
_exptl_crystal_grow_comp.sol_id 
_exptl_crystal_grow_comp.name 
_exptl_crystal_grow_comp.volume 
_exptl_crystal_grow_comp.conc 
_exptl_crystal_grow_comp.details 
1 1 1 'sodium cacodylate' ? ? ? 
1 2 1 'calcium chloride'  ? ? ? 
1 3 1 spermine            ? ? ? 
1 4 2 'sodium cacodylate' ? ? ? 
1 5 2 'calcium chloride'  ? ? ? 
1 6 2 spermine            ? ? ? 
# 
_diffrn.id                     1 
_diffrn.ambient_temp           133 
_diffrn.ambient_temp_details   ? 
_diffrn.crystal_id             1 
# 
_diffrn_detector.diffrn_id              1 
_diffrn_detector.detector               'IMAGE PLATE' 
_diffrn_detector.type                   'RIGAKU RAXIS IV' 
_diffrn_detector.pdbx_collection_date   2005-03-20 
_diffrn_detector.details                'Osmic mirrors' 
# 
_diffrn_radiation.diffrn_id                        1 
_diffrn_radiation.wavelength_id                    1 
_diffrn_radiation.pdbx_monochromatic_or_laue_m_l   M 
_diffrn_radiation.monochromator                    ? 
_diffrn_radiation.pdbx_diffrn_protocol             'SINGLE WAVELENGTH' 
_diffrn_radiation.pdbx_scattering_type             x-ray 
# 
_diffrn_radiation_wavelength.id           1 
_diffrn_radiation_wavelength.wavelength   1.5418 
_diffrn_radiation_wavelength.wt           1.0 
# 
_diffrn_source.diffrn_id                   1 
_diffrn_source.source                      'ROTATING ANODE' 
_diffrn_source.type                        RIGAKU 
_diffrn_source.pdbx_synchrotron_site       ? 
_diffrn_source.pdbx_synchrotron_beamline   ? 
_diffrn_source.pdbx_wavelength             ? 
_diffrn_source.pdbx_wavelength_list        1.5418 
# 
_reflns.entry_id                     2ORH 
_reflns.observed_criterion_sigma_I   ? 
_reflns.observed_criterion_sigma_F   ? 
_reflns.d_resolution_low             20 
_reflns.d_resolution_high            1.9 
_reflns.number_obs                   4176 
_reflns.number_all                   4486 
_reflns.percent_possible_obs         93.1 
_reflns.pdbx_Rmerge_I_obs            0.051 
_reflns.pdbx_Rsym_value              ? 
_reflns.pdbx_netI_over_sigmaI        ? 
_reflns.B_iso_Wilson_estimate        10.9 
_reflns.pdbx_redundancy              3.2 
_reflns.R_free_details               ? 
_reflns.pdbx_chi_squared             ? 
_reflns.pdbx_scaling_rejects         ? 
_reflns.pdbx_diffrn_id               1 
_reflns.pdbx_ordinal                 1 
# 
_reflns_shell.d_res_high             1.90 
_reflns_shell.d_res_low              1.97 
_reflns_shell.percent_possible_all   63.4 
_reflns_shell.Rmerge_I_obs           0.252 
_reflns_shell.pdbx_Rsym_value        ? 
_reflns_shell.meanI_over_sigI_obs    3.7 
_reflns_shell.pdbx_redundancy        1.8 
_reflns_shell.percent_possible_obs   ? 
_reflns_shell.number_unique_all      ? 
_reflns_shell.number_measured_all    ? 
_reflns_shell.number_measured_obs    ? 
_reflns_shell.number_unique_obs      ? 
_reflns_shell.pdbx_chi_squared       ? 
_reflns_shell.pdbx_diffrn_id         ? 
_reflns_shell.pdbx_ordinal           1 
# 
_refine.entry_id                                 2ORH 
_refine.ls_number_reflns_obs                     3992 
_refine.ls_number_reflns_all                     4486 
_refine.pdbx_ls_sigma_I                          ? 
_refine.pdbx_ls_sigma_F                          0.0 
_refine.pdbx_data_cutoff_high_absF               73206.51 
_refine.pdbx_data_cutoff_low_absF                0.000000 
_refine.pdbx_data_cutoff_high_rms_absF           ? 
_refine.ls_d_res_low                             20.0 
_refine.ls_d_res_high                            1.90 
_refine.ls_percent_reflns_obs                    89.6 
_refine.ls_R_factor_obs                          0.22 
_refine.ls_R_factor_all                          ? 
_refine.ls_R_factor_R_work                       0.22 
_refine.ls_R_factor_R_free                       0.269 
_refine.ls_R_factor_R_free_error                 0.013 
_refine.ls_R_factor_R_free_error_details         ? 
_refine.ls_percent_reflns_R_free                 10.2 
_refine.ls_number_reflns_R_free                  408 
_refine.ls_number_parameters                     ? 
_refine.ls_number_restraints                     ? 
_refine.occupancy_min                            ? 
_refine.occupancy_max                            ? 
_refine.correlation_coeff_Fo_to_Fc               ? 
_refine.correlation_coeff_Fo_to_Fc_free          ? 
_refine.B_iso_mean                               17.3 
_refine.aniso_B[1][1]                            -1.05 
_refine.aniso_B[2][2]                            6.94 
_refine.aniso_B[3][3]                            -5.88 
_refine.aniso_B[1][2]                            0.00 
_refine.aniso_B[1][3]                            -2.05 
_refine.aniso_B[2][3]                            0.00 
_refine.solvent_model_details                    'FLAT MODEL' 
_refine.solvent_model_param_ksol                 0.321373 
_refine.solvent_model_param_bsol                 103.196 
_refine.pdbx_solvent_vdw_probe_radii             ? 
_refine.pdbx_solvent_ion_probe_radii             ? 
_refine.pdbx_solvent_shrinkage_radii             ? 
_refine.pdbx_ls_cross_valid_method               THROUGHOUT 
_refine.details                                  ? 
_refine.pdbx_starting_model                      1P54 
_refine.pdbx_method_to_determine_struct          'MOLECULAR REPLACEMENT' 
_refine.pdbx_isotropic_thermal_model             RESTRAINED 
_refine.pdbx_stereochemistry_target_values       'Engh & Huber' 
_refine.pdbx_stereochem_target_val_spec_case     ? 
_refine.pdbx_R_Free_selection_details            RANDOM 
_refine.pdbx_overall_ESU_R                       ? 
_refine.pdbx_overall_ESU_R_Free                  ? 
_refine.overall_SU_ML                            ? 
_refine.overall_SU_B                             ? 
_refine.ls_redundancy_reflns_obs                 ? 
_refine.overall_SU_R_Cruickshank_DPI             ? 
_refine.overall_SU_R_free                        ? 
_refine.ls_wR_factor_R_free                      ? 
_refine.ls_wR_factor_R_work                      ? 
_refine.overall_FOM_free_R_set                   ? 
_refine.overall_FOM_work_R_set                   ? 
_refine.pdbx_refine_id                           'X-RAY DIFFRACTION' 
_refine.pdbx_diffrn_id                           1 
_refine.pdbx_TLS_residual_ADP_flag               ? 
_refine.pdbx_overall_phase_error                 ? 
_refine.pdbx_overall_SU_R_free_Cruickshank_DPI   ? 
_refine.pdbx_overall_SU_R_Blow_DPI               ? 
_refine.pdbx_overall_SU_R_free_Blow_DPI          ? 
# 
_refine_analyze.entry_id                        2ORH 
_refine_analyze.Luzzati_coordinate_error_obs    0.25 
_refine_analyze.Luzzati_sigma_a_obs             0.31 
_refine_analyze.Luzzati_d_res_low_obs           5.00 
_refine_analyze.Luzzati_coordinate_error_free   0.33 
_refine_analyze.Luzzati_sigma_a_free            0.44 
_refine_analyze.Luzzati_d_res_low_free          ? 
_refine_analyze.number_disordered_residues      ? 
_refine_analyze.occupancy_sum_hydrogen          ? 
_refine_analyze.occupancy_sum_non_hydrogen      ? 
_refine_analyze.pdbx_refine_id                  'X-RAY DIFFRACTION' 
# 
_refine_hist.pdbx_refine_id                   'X-RAY DIFFRACTION' 
_refine_hist.cycle_id                         LAST 
_refine_hist.pdbx_number_atoms_protein        0 
_refine_hist.pdbx_number_atoms_nucleic_acid   403 
_refine_hist.pdbx_number_atoms_ligand         2 
_refine_hist.number_atoms_solvent             99 
_refine_hist.number_atoms_total               504 
_refine_hist.d_res_high                       1.90 
_refine_hist.d_res_low                        20.0 
# 
loop_
_refine_ls_restr.type 
_refine_ls_restr.dev_ideal 
_refine_ls_restr.dev_ideal_target 
_refine_ls_restr.weight 
_refine_ls_restr.number 
_refine_ls_restr.pdbx_refine_id 
_refine_ls_restr.pdbx_restraint_function 
c_bond_d                0.007 ? ? ? 'X-RAY DIFFRACTION' ? 
c_bond_d_na             ?     ? ? ? 'X-RAY DIFFRACTION' ? 
c_bond_d_prot           ?     ? ? ? 'X-RAY DIFFRACTION' ? 
c_angle_d               ?     ? ? ? 'X-RAY DIFFRACTION' ? 
c_angle_d_na            ?     ? ? ? 'X-RAY DIFFRACTION' ? 
c_angle_d_prot          ?     ? ? ? 'X-RAY DIFFRACTION' ? 
c_angle_deg             1.1   ? ? ? 'X-RAY DIFFRACTION' ? 
c_angle_deg_na          ?     ? ? ? 'X-RAY DIFFRACTION' ? 
c_angle_deg_prot        ?     ? ? ? 'X-RAY DIFFRACTION' ? 
c_dihedral_angle_d      19.4  ? ? ? 'X-RAY DIFFRACTION' ? 
c_dihedral_angle_d_na   ?     ? ? ? 'X-RAY DIFFRACTION' ? 
c_dihedral_angle_d_prot ?     ? ? ? 'X-RAY DIFFRACTION' ? 
c_improper_angle_d      1.43  ? ? ? 'X-RAY DIFFRACTION' ? 
c_improper_angle_d_na   ?     ? ? ? 'X-RAY DIFFRACTION' ? 
c_improper_angle_d_prot ?     ? ? ? 'X-RAY DIFFRACTION' ? 
c_mcbond_it             ?     ? ? ? 'X-RAY DIFFRACTION' ? 
c_mcangle_it            ?     ? ? ? 'X-RAY DIFFRACTION' ? 
c_scbond_it             ?     ? ? ? 'X-RAY DIFFRACTION' ? 
c_scangle_it            ?     ? ? ? 'X-RAY DIFFRACTION' ? 
# 
_refine_ls_shell.pdbx_total_number_of_bins_used   6 
_refine_ls_shell.d_res_high                       1.90 
_refine_ls_shell.d_res_low                        2.02 
_refine_ls_shell.number_reflns_R_work             404 
_refine_ls_shell.R_factor_R_work                  0.332 
_refine_ls_shell.percent_reflns_obs               62.3 
_refine_ls_shell.R_factor_R_free                  0.407 
_refine_ls_shell.R_factor_R_free_error            0.055 
_refine_ls_shell.percent_reflns_R_free            12.0 
_refine_ls_shell.number_reflns_R_free             55 
_refine_ls_shell.number_reflns_all                ? 
_refine_ls_shell.R_factor_all                     ? 
_refine_ls_shell.redundancy_reflns_obs            ? 
_refine_ls_shell.number_reflns_obs                ? 
_refine_ls_shell.pdbx_refine_id                   'X-RAY DIFFRACTION' 
# 
loop_
_pdbx_xplor_file.serial_no 
_pdbx_xplor_file.param_file 
_pdbx_xplor_file.topol_file 
_pdbx_xplor_file.pdbx_refine_id 
1 dna-rna_rep.param dna-rna.top  'X-RAY DIFFRACTION' 
2 ion.param         dna-rna.link 'X-RAY DIFFRACTION' 
3 water_rep.param   water.top    'X-RAY DIFFRACTION' 
4 ?                 ion.top      'X-RAY DIFFRACTION' 
# 
_struct.entry_id                  2ORH 
_struct.title                     'Directing Macromolecular Conformation Through Halogen Bonds' 
_struct.pdbx_model_details        ? 
_struct.pdbx_CASP_flag            ? 
_struct.pdbx_model_type_details   ? 
# 
_struct_keywords.entry_id        2ORH 
_struct_keywords.pdbx_keywords   DNA 
_struct_keywords.text            'DNA Holliday Junction, Halogen Bond, DNA' 
# 
loop_
_struct_asym.id 
_struct_asym.pdbx_blank_PDB_chainid_flag 
_struct_asym.pdbx_modified 
_struct_asym.entity_id 
_struct_asym.details 
A N N 1 ? 
B N N 2 ? 
C N N 3 ? 
D N N 3 ? 
E N N 4 ? 
F N N 4 ? 
# 
_struct_biol.id                    1 
_struct_biol.details               
'The second half of the biological assembly (the Holliday junction) is generated by the two fold rotation: 2-x, y, -z' 
_struct_biol.pdbx_parent_biol_id   ? 
# 
loop_
_struct_conn.id 
_struct_conn.conn_type_id 
_struct_conn.pdbx_leaving_atom_flag 
_struct_conn.pdbx_PDB_id 
_struct_conn.ptnr1_label_asym_id 
_struct_conn.ptnr1_label_comp_id 
_struct_conn.ptnr1_label_seq_id 
_struct_conn.ptnr1_label_atom_id 
_struct_conn.pdbx_ptnr1_label_alt_id 
_struct_conn.pdbx_ptnr1_PDB_ins_code 
_struct_conn.pdbx_ptnr1_standard_comp_id 
_struct_conn.ptnr1_symmetry 
_struct_conn.ptnr2_label_asym_id 
_struct_conn.ptnr2_label_comp_id 
_struct_conn.ptnr2_label_seq_id 
_struct_conn.ptnr2_label_atom_id 
_struct_conn.pdbx_ptnr2_label_alt_id 
_struct_conn.pdbx_ptnr2_PDB_ins_code 
_struct_conn.ptnr1_auth_asym_id 
_struct_conn.ptnr1_auth_comp_id 
_struct_conn.ptnr1_auth_seq_id 
_struct_conn.ptnr2_auth_asym_id 
_struct_conn.ptnr2_auth_comp_id 
_struct_conn.ptnr2_auth_seq_id 
_struct_conn.ptnr2_symmetry 
_struct_conn.pdbx_ptnr3_label_atom_id 
_struct_conn.pdbx_ptnr3_label_seq_id 
_struct_conn.pdbx_ptnr3_label_comp_id 
_struct_conn.pdbx_ptnr3_label_asym_id 
_struct_conn.pdbx_ptnr3_label_alt_id 
_struct_conn.pdbx_ptnr3_PDB_ins_code 
_struct_conn.details 
_struct_conn.pdbx_dist_value 
_struct_conn.pdbx_value_order 
_struct_conn.pdbx_role 
metalc1  metalc ? ? A DA  6 OP2 ? ? ? 1_555 C NA  .  NA ? ? A DA  6  A NA  63 1_555 ? ? ? ? ? ? ?            2.606 ? ? 
metalc2  metalc ? ? F HOH . O   ? ? ? 1_555 D NA  .  NA ? ? B HOH 21 B NA  28 1_555 ? ? ? ? ? ? ?            2.409 ? ? 
metalc3  metalc ? ? F HOH . O   ? ? ? 1_555 D NA  .  NA ? ? B HOH 22 B NA  28 1_555 ? ? ? ? ? ? ?            2.612 ? ? 
metalc4  metalc ? ? F HOH . O   ? ? ? 1_555 D NA  .  NA ? ? B HOH 26 B NA  28 1_555 ? ? ? ? ? ? ?            2.775 ? ? 
metalc5  metalc ? ? D NA  . NA  ? ? ? 1_555 F HOH .  O  ? ? B NA  28 B HOH 30 1_555 ? ? ? ? ? ? ?            2.448 ? ? 
metalc6  metalc ? ? D NA  . NA  ? ? ? 1_555 F HOH .  O  ? ? B NA  28 B HOH 43 1_555 ? ? ? ? ? ? ?            2.627 ? ? 
hydrog1  hydrog ? ? A DC  1 N3  ? ? ? 1_555 B DG  10 N1 ? ? A DC  1  B DG  20 1_555 ? ? ? ? ? ? WATSON-CRICK ?     ? ? 
hydrog2  hydrog ? ? A DC  1 N4  ? ? ? 1_555 B DG  10 O6 ? ? A DC  1  B DG  20 1_555 ? ? ? ? ? ? WATSON-CRICK ?     ? ? 
hydrog3  hydrog ? ? A DC  1 O2  ? ? ? 1_555 B DG  10 N2 ? ? A DC  1  B DG  20 1_555 ? ? ? ? ? ? WATSON-CRICK ?     ? ? 
hydrog4  hydrog ? ? A DC  2 N3  ? ? ? 1_555 B DG  9  N1 ? ? A DC  2  B DG  19 1_555 ? ? ? ? ? ? WATSON-CRICK ?     ? ? 
hydrog5  hydrog ? ? A DC  2 N4  ? ? ? 1_555 B DG  9  O6 ? ? A DC  2  B DG  19 1_555 ? ? ? ? ? ? WATSON-CRICK ?     ? ? 
hydrog6  hydrog ? ? A DC  2 O2  ? ? ? 1_555 B DG  9  N2 ? ? A DC  2  B DG  19 1_555 ? ? ? ? ? ? WATSON-CRICK ?     ? ? 
hydrog7  hydrog ? ? A DG  3 N1  ? ? ? 1_555 B DC  8  N3 ? ? A DG  3  B DC  18 1_555 ? ? ? ? ? ? WATSON-CRICK ?     ? ? 
hydrog8  hydrog ? ? A DG  3 N2  ? ? ? 1_555 B DC  8  O2 ? ? A DG  3  B DC  18 1_555 ? ? ? ? ? ? WATSON-CRICK ?     ? ? 
hydrog9  hydrog ? ? A DG  3 O6  ? ? ? 1_555 B DC  8  N4 ? ? A DG  3  B DC  18 1_555 ? ? ? ? ? ? WATSON-CRICK ?     ? ? 
hydrog10 hydrog ? ? A DA  4 N1  ? ? ? 1_555 B DU  7  N3 ? ? A DA  4  B DU  17 1_555 ? ? ? ? ? ? WATSON-CRICK ?     ? ? 
hydrog11 hydrog ? ? A DA  4 N6  ? ? ? 1_555 B DU  7  O4 ? ? A DA  4  B DU  17 1_555 ? ? ? ? ? ? WATSON-CRICK ?     ? ? 
hydrog12 hydrog ? ? A DT  5 N3  ? ? ? 1_555 B DA  6  N1 ? ? A DT  5  B DA  16 1_555 ? ? ? ? ? ? 'DT-DA PAIR' ?     ? ? 
hydrog13 hydrog ? ? A DA  6 N1  ? ? ? 1_555 B DT  5  N3 ? ? A DA  6  B DT  15 1_555 ? ? ? ? ? ? WATSON-CRICK ?     ? ? 
hydrog14 hydrog ? ? A DA  6 N6  ? ? ? 1_555 B DT  5  O4 ? ? A DA  6  B DT  15 1_555 ? ? ? ? ? ? WATSON-CRICK ?     ? ? 
# 
loop_
_struct_conn_type.id 
_struct_conn_type.criteria 
_struct_conn_type.reference 
metalc ? ? 
hydrog ? ? 
# 
loop_
_struct_site.id 
_struct_site.pdbx_evidence_code 
_struct_site.pdbx_auth_asym_id 
_struct_site.pdbx_auth_comp_id 
_struct_site.pdbx_auth_seq_id 
_struct_site.pdbx_auth_ins_code 
_struct_site.pdbx_num_residues 
_struct_site.details 
AC1 Software B NA 28 ? 5 'BINDING SITE FOR RESIDUE NA B 28' 
AC2 Software A NA 63 ? 2 'BINDING SITE FOR RESIDUE NA A 63' 
# 
loop_
_struct_site_gen.id 
_struct_site_gen.site_id 
_struct_site_gen.pdbx_num_res 
_struct_site_gen.label_comp_id 
_struct_site_gen.label_asym_id 
_struct_site_gen.label_seq_id 
_struct_site_gen.pdbx_auth_ins_code 
_struct_site_gen.auth_comp_id 
_struct_site_gen.auth_asym_id 
_struct_site_gen.auth_seq_id 
_struct_site_gen.label_atom_id 
_struct_site_gen.label_alt_id 
_struct_site_gen.symmetry 
_struct_site_gen.details 
1 AC1 5 HOH F . ? HOH B 21 . ? 1_555 ? 
2 AC1 5 HOH F . ? HOH B 22 . ? 1_555 ? 
3 AC1 5 HOH F . ? HOH B 26 . ? 1_555 ? 
4 AC1 5 HOH F . ? HOH B 30 . ? 1_555 ? 
5 AC1 5 HOH F . ? HOH B 43 . ? 1_555 ? 
6 AC2 2 DA  A 6 ? DA  A 6  . ? 1_555 ? 
7 AC2 2 DA  A 6 ? DA  A 6  . ? 2_755 ? 
# 
_atom_sites.entry_id                    2ORH 
_atom_sites.fract_transf_matrix[1][1]   -0.00478645 
_atom_sites.fract_transf_matrix[1][2]   0.00803331 
_atom_sites.fract_transf_matrix[1][3]   -0.01325432 
_atom_sites.fract_transf_matrix[2][1]   0.03753100 
_atom_sites.fract_transf_matrix[2][2]   0.01712143 
_atom_sites.fract_transf_matrix[2][3]   -0.00317622 
_atom_sites.fract_transf_matrix[3][1]   0.00521280 
_atom_sites.fract_transf_matrix[3][2]   -0.01578765 
_atom_sites.fract_transf_matrix[3][3]   -0.02350774 
_atom_sites.fract_transf_vector[1]      0.948155 
_atom_sites.fract_transf_vector[2]      0.538436 
_atom_sites.fract_transf_vector[3]      0.147635 
# 
loop_
_atom_type.symbol 
C  
N  
NA 
O  
P  
# 
loop_
_atom_site.group_PDB 
_atom_site.id 
_atom_site.type_symbol 
_atom_site.label_atom_id 
_atom_site.label_alt_id 
_atom_site.label_comp_id 
_atom_site.label_asym_id 
_atom_site.label_entity_id 
_atom_site.label_seq_id 
_atom_site.pdbx_PDB_ins_code 
_atom_site.Cartn_x 
_atom_site.Cartn_y 
_atom_site.Cartn_z 
_atom_site.occupancy 
_atom_site.B_iso_or_equiv 
_atom_site.pdbx_formal_charge 
_atom_site.auth_seq_id 
_atom_site.auth_comp_id 
_atom_site.auth_asym_id 
_atom_site.auth_atom_id 
_atom_site.pdbx_PDB_model_num 
ATOM   1   O  "O5'" . DC  A 1 1  ? 3.383   -15.212 -1.733  1.00 11.32 ? 1   DC  A "O5'" 1 
ATOM   2   C  "C5'" . DC  A 1 1  ? 3.164   -16.622 -1.686  1.00 8.91  ? 1   DC  A "C5'" 1 
ATOM   3   C  "C4'" . DC  A 1 1  ? 2.174   -16.890 -0.576  1.00 11.75 ? 1   DC  A "C4'" 1 
ATOM   4   O  "O4'" . DC  A 1 1  ? 2.771   -16.615 0.714   1.00 7.35  ? 1   DC  A "O4'" 1 
ATOM   5   C  "C3'" . DC  A 1 1  ? 0.940   -15.999 -0.665  1.00 9.82  ? 1   DC  A "C3'" 1 
ATOM   6   O  "O3'" . DC  A 1 1  ? -0.190  -16.733 -0.251  1.00 10.51 ? 1   DC  A "O3'" 1 
ATOM   7   C  "C2'" . DC  A 1 1  ? 1.230   -14.894 0.324   1.00 11.13 ? 1   DC  A "C2'" 1 
ATOM   8   C  "C1'" . DC  A 1 1  ? 1.968   -15.662 1.397   1.00 12.71 ? 1   DC  A "C1'" 1 
ATOM   9   N  N1    . DC  A 1 1  ? 2.835   -14.821 2.225   1.00 13.09 ? 1   DC  A N1    1 
ATOM   10  C  C2    . DC  A 1 1  ? 2.242   -14.079 3.236   1.00 13.63 ? 1   DC  A C2    1 
ATOM   11  O  O2    . DC  A 1 1  ? 1.025   -14.170 3.390   1.00 10.52 ? 1   DC  A O2    1 
ATOM   12  N  N3    . DC  A 1 1  ? 3.006   -13.294 4.031   1.00 14.59 ? 1   DC  A N3    1 
ATOM   13  C  C4    . DC  A 1 1  ? 4.324   -13.258 3.848   1.00 17.63 ? 1   DC  A C4    1 
ATOM   14  N  N4    . DC  A 1 1  ? 5.049   -12.508 4.686   1.00 18.59 ? 1   DC  A N4    1 
ATOM   15  C  C5    . DC  A 1 1  ? 4.964   -14.002 2.803   1.00 16.76 ? 1   DC  A C5    1 
ATOM   16  C  C6    . DC  A 1 1  ? 4.186   -14.762 2.022   1.00 14.39 ? 1   DC  A C6    1 
ATOM   17  P  P     . DC  A 1 2  ? -1.317  -17.083 -1.325  1.00 12.28 ? 2   DC  A P     1 
ATOM   18  O  OP1   . DC  A 1 2  ? -2.376  -17.913 -0.705  1.00 11.69 ? 2   DC  A OP1   1 
ATOM   19  O  OP2   . DC  A 1 2  ? -0.587  -17.597 -2.484  1.00 11.33 ? 2   DC  A OP2   1 
ATOM   20  O  "O5'" . DC  A 1 2  ? -1.930  -15.645 -1.653  1.00 13.82 ? 2   DC  A "O5'" 1 
ATOM   21  C  "C5'" . DC  A 1 2  ? -2.736  -14.979 -0.680  1.00 19.32 ? 2   DC  A "C5'" 1 
ATOM   22  C  "C4'" . DC  A 1 2  ? -2.767  -13.486 -0.916  1.00 20.35 ? 2   DC  A "C4'" 1 
ATOM   23  O  "O4'" . DC  A 1 2  ? -1.610  -12.814 -0.371  1.00 21.53 ? 2   DC  A "O4'" 1 
ATOM   24  C  "C3'" . DC  A 1 2  ? -2.903  -13.010 -2.357  1.00 23.54 ? 2   DC  A "C3'" 1 
ATOM   25  O  "O3'" . DC  A 1 2  ? -3.877  -11.972 -2.389  1.00 27.10 ? 2   DC  A "O3'" 1 
ATOM   26  C  "C2'" . DC  A 1 2  ? -1.531  -12.430 -2.670  1.00 21.99 ? 2   DC  A "C2'" 1 
ATOM   27  C  "C1'" . DC  A 1 2  ? -1.113  -11.878 -1.319  1.00 18.51 ? 2   DC  A "C1'" 1 
ATOM   28  N  N1    . DC  A 1 2  ? 0.338   -11.732 -1.089  1.00 13.91 ? 2   DC  A N1    1 
ATOM   29  C  C2    . DC  A 1 2  ? 0.767   -11.070 0.074   1.00 13.40 ? 2   DC  A C2    1 
ATOM   30  O  O2    . DC  A 1 2  ? -0.081  -10.561 0.825   1.00 12.66 ? 2   DC  A O2    1 
ATOM   31  N  N3    . DC  A 1 2  ? 2.088   -10.982 0.339   1.00 11.79 ? 2   DC  A N3    1 
ATOM   32  C  C4    . DC  A 1 2  ? 2.973   -11.491 -0.520  1.00 12.41 ? 2   DC  A C4    1 
ATOM   33  N  N4    . DC  A 1 2  ? 4.276   -11.384 -0.212  1.00 10.95 ? 2   DC  A N4    1 
ATOM   34  C  C5    . DC  A 1 2  ? 2.566   -12.133 -1.731  1.00 11.79 ? 2   DC  A C5    1 
ATOM   35  C  C6    . DC  A 1 2  ? 1.250   -12.235 -1.967  1.00 12.54 ? 2   DC  A C6    1 
ATOM   36  P  P     . DG  A 1 3  ? -5.419  -12.339 -2.649  1.00 29.44 ? 3   DG  A P     1 
ATOM   37  O  OP1   . DG  A 1 3  ? -5.602  -13.792 -2.402  1.00 29.43 ? 3   DG  A OP1   1 
ATOM   38  O  OP2   . DG  A 1 3  ? -5.788  -11.768 -3.967  1.00 29.86 ? 3   DG  A OP2   1 
ATOM   39  O  "O5'" . DG  A 1 3  ? -6.186  -11.509 -1.528  1.00 28.13 ? 3   DG  A "O5'" 1 
ATOM   40  C  "C5'" . DG  A 1 3  ? -6.835  -10.303 -1.885  1.00 28.48 ? 3   DG  A "C5'" 1 
ATOM   41  C  "C4'" . DG  A 1 3  ? -6.290  -9.142  -1.090  1.00 29.53 ? 3   DG  A "C4'" 1 
ATOM   42  O  "O4'" . DG  A 1 3  ? -4.840  -9.188  -0.961  1.00 27.15 ? 3   DG  A "O4'" 1 
ATOM   43  C  "C3'" . DG  A 1 3  ? -6.613  -7.805  -1.753  1.00 28.71 ? 3   DG  A "C3'" 1 
ATOM   44  O  "O3'" . DG  A 1 3  ? -6.988  -6.867  -0.757  1.00 30.71 ? 3   DG  A "O3'" 1 
ATOM   45  C  "C2'" . DG  A 1 3  ? -5.289  -7.406  -2.375  1.00 27.41 ? 3   DG  A "C2'" 1 
ATOM   46  C  "C1'" . DG  A 1 3  ? -4.303  -7.939  -1.353  1.00 24.63 ? 3   DG  A "C1'" 1 
ATOM   47  N  N9    . DG  A 1 3  ? -2.952  -8.159  -1.859  1.00 23.49 ? 3   DG  A N9    1 
ATOM   48  C  C8    . DG  A 1 3  ? -2.607  -8.503  -3.143  1.00 23.33 ? 3   DG  A C8    1 
ATOM   49  N  N7    . DG  A 1 3  ? -1.328  -8.682  -3.300  1.00 22.24 ? 3   DG  A N7    1 
ATOM   50  C  C5    . DG  A 1 3  ? -0.791  -8.436  -2.042  1.00 22.46 ? 3   DG  A C5    1 
ATOM   51  C  C6    . DG  A 1 3  ? 0.550   -8.501  -1.594  1.00 23.25 ? 3   DG  A C6    1 
ATOM   52  O  O6    . DG  A 1 3  ? 1.562   -8.829  -2.229  1.00 21.16 ? 3   DG  A O6    1 
ATOM   53  N  N1    . DG  A 1 3  ? 0.654   -8.164  -0.246  1.00 24.75 ? 3   DG  A N1    1 
ATOM   54  C  C2    . DG  A 1 3  ? -0.398  -7.838  0.570   1.00 24.51 ? 3   DG  A C2    1 
ATOM   55  N  N2    . DG  A 1 3  ? -0.087  -7.612  1.870   1.00 23.77 ? 3   DG  A N2    1 
ATOM   56  N  N3    . DG  A 1 3  ? -1.654  -7.765  0.155   1.00 22.49 ? 3   DG  A N3    1 
ATOM   57  C  C4    . DG  A 1 3  ? -1.776  -8.085  -1.148  1.00 21.97 ? 3   DG  A C4    1 
ATOM   58  P  P     . DA  A 1 4  ? -8.546  -6.578  -0.487  1.00 29.09 ? 4   DA  A P     1 
ATOM   59  O  OP1   . DA  A 1 4  ? -9.142  -7.841  0.017   1.00 29.06 ? 4   DA  A OP1   1 
ATOM   60  O  OP2   . DA  A 1 4  ? -9.113  -5.916  -1.688  1.00 32.60 ? 4   DA  A OP2   1 
ATOM   61  O  "O5'" . DA  A 1 4  ? -8.498  -5.552  0.718   1.00 28.27 ? 4   DA  A "O5'" 1 
ATOM   62  C  "C5'" . DA  A 1 4  ? -7.959  -5.958  1.969   1.00 24.21 ? 4   DA  A "C5'" 1 
ATOM   63  C  "C4'" . DA  A 1 4  ? -6.904  -4.986  2.438   1.00 21.62 ? 4   DA  A "C4'" 1 
ATOM   64  O  "O4'" . DA  A 1 4  ? -5.652  -5.146  1.719   1.00 18.85 ? 4   DA  A "O4'" 1 
ATOM   65  C  "C3'" . DA  A 1 4  ? -7.292  -3.516  2.319   1.00 21.02 ? 4   DA  A "C3'" 1 
ATOM   66  O  "O3'" . DA  A 1 4  ? -6.938  -2.874  3.542   1.00 20.13 ? 4   DA  A "O3'" 1 
ATOM   67  C  "C2'" . DA  A 1 4  ? -6.481  -3.022  1.128   1.00 19.16 ? 4   DA  A "C2'" 1 
ATOM   68  C  "C1'" . DA  A 1 4  ? -5.231  -3.899  1.177   1.00 20.17 ? 4   DA  A "C1'" 1 
ATOM   69  N  N9    . DA  A 1 4  ? -4.610  -4.167  -0.130  1.00 19.22 ? 4   DA  A N9    1 
ATOM   70  C  C8    . DA  A 1 4  ? -5.249  -4.553  -1.280  1.00 18.67 ? 4   DA  A C8    1 
ATOM   71  N  N7    . DA  A 1 4  ? -4.443  -4.735  -2.301  1.00 18.09 ? 4   DA  A N7    1 
ATOM   72  C  C5    . DA  A 1 4  ? -3.183  -4.451  -1.791  1.00 18.40 ? 4   DA  A C5    1 
ATOM   73  C  C6    . DA  A 1 4  ? -1.887  -4.457  -2.375  1.00 18.23 ? 4   DA  A C6    1 
ATOM   74  N  N6    . DA  A 1 4  ? -1.632  -4.799  -3.639  1.00 19.27 ? 4   DA  A N6    1 
ATOM   75  N  N1    . DA  A 1 4  ? -0.852  -4.097  -1.597  1.00 17.16 ? 4   DA  A N1    1 
ATOM   76  C  C2    . DA  A 1 4  ? -1.095  -3.770  -0.325  1.00 17.37 ? 4   DA  A C2    1 
ATOM   77  N  N3    . DA  A 1 4  ? -2.254  -3.742  0.341   1.00 17.39 ? 4   DA  A N3    1 
ATOM   78  C  C4    . DA  A 1 4  ? -3.271  -4.090  -0.457  1.00 17.91 ? 4   DA  A C4    1 
ATOM   79  P  P     . DT  A 1 5  ? -7.176  -1.295  3.725   1.00 24.14 ? 5   DT  A P     1 
ATOM   80  O  OP1   . DT  A 1 5  ? -7.267  -1.087  5.205   1.00 20.23 ? 5   DT  A OP1   1 
ATOM   81  O  OP2   . DT  A 1 5  ? -8.266  -0.799  2.833   1.00 18.57 ? 5   DT  A OP2   1 
ATOM   82  O  "O5'" . DT  A 1 5  ? -5.776  -0.700  3.271   1.00 20.48 ? 5   DT  A "O5'" 1 
ATOM   83  C  "C5'" . DT  A 1 5  ? -4.642  -0.907  4.098   1.00 20.01 ? 5   DT  A "C5'" 1 
ATOM   84  C  "C4'" . DT  A 1 5  ? -3.518  0.015   3.702   1.00 18.07 ? 5   DT  A "C4'" 1 
ATOM   85  O  "O4'" . DT  A 1 5  ? -2.864  -0.488  2.522   1.00 19.01 ? 5   DT  A "O4'" 1 
ATOM   86  C  "C3'" . DT  A 1 5  ? -3.917  1.455   3.406   1.00 16.72 ? 5   DT  A "C3'" 1 
ATOM   87  O  "O3'" . DT  A 1 5  ? -2.996  2.330   4.042   1.00 10.97 ? 5   DT  A "O3'" 1 
ATOM   88  C  "C2'" . DT  A 1 5  ? -3.842  1.546   1.893   1.00 18.00 ? 5   DT  A "C2'" 1 
ATOM   89  C  "C1'" . DT  A 1 5  ? -2.789  0.508   1.523   1.00 19.06 ? 5   DT  A "C1'" 1 
ATOM   90  N  N1    . DT  A 1 5  ? -3.036  -0.153  0.225   1.00 19.37 ? 5   DT  A N1    1 
ATOM   91  C  C2    . DT  A 1 5  ? -1.964  -0.422  -0.607  1.00 20.05 ? 5   DT  A C2    1 
ATOM   92  O  O2    . DT  A 1 5  ? -0.811  -0.141  -0.332  1.00 21.36 ? 5   DT  A O2    1 
ATOM   93  N  N3    . DT  A 1 5  ? -2.298  -1.027  -1.791  1.00 18.58 ? 5   DT  A N3    1 
ATOM   94  C  C4    . DT  A 1 5  ? -3.555  -1.378  -2.224  1.00 18.49 ? 5   DT  A C4    1 
ATOM   95  O  O4    . DT  A 1 5  ? -3.696  -1.942  -3.320  1.00 18.44 ? 5   DT  A O4    1 
ATOM   96  C  C5    . DT  A 1 5  ? -4.632  -1.052  -1.314  1.00 17.74 ? 5   DT  A C5    1 
ATOM   97  C  C7    . DT  A 1 5  ? -6.039  -1.357  -1.723  1.00 14.73 ? 5   DT  A C7    1 
ATOM   98  C  C6    . DT  A 1 5  ? -4.321  -0.481  -0.143  1.00 17.29 ? 5   DT  A C6    1 
ATOM   99  P  P     . DA  A 1 6  ? -3.202  3.920   3.947   1.00 11.66 ? 6   DA  A P     1 
ATOM   100 O  OP1   . DA  A 1 6  ? -3.069  4.493   5.296   1.00 10.56 ? 6   DA  A OP1   1 
ATOM   101 O  OP2   . DA  A 1 6  ? -4.392  4.251   3.127   1.00 9.65  ? 6   DA  A OP2   1 
ATOM   102 O  "O5'" . DA  A 1 6  ? -1.908  4.347   3.156   1.00 9.89  ? 6   DA  A "O5'" 1 
ATOM   103 C  "C5'" . DA  A 1 6  ? -0.667  3.721   3.437   1.00 8.31  ? 6   DA  A "C5'" 1 
ATOM   104 C  "C4'" . DA  A 1 6  ? 0.320   4.071   2.357   1.00 8.67  ? 6   DA  A "C4'" 1 
ATOM   105 O  "O4'" . DA  A 1 6  ? -0.088  3.413   1.127   1.00 7.76  ? 6   DA  A "O4'" 1 
ATOM   106 C  "C3'" . DA  A 1 6  ? 0.339   5.574   2.070   1.00 8.93  ? 6   DA  A "C3'" 1 
ATOM   107 O  "O3'" . DA  A 1 6  ? 1.678   6.012   1.789   1.00 13.24 ? 6   DA  A "O3'" 1 
ATOM   108 C  "C2'" . DA  A 1 6  ? -0.584  5.700   0.866   1.00 10.05 ? 6   DA  A "C2'" 1 
ATOM   109 C  "C1'" . DA  A 1 6  ? -0.301  4.393   0.124   1.00 9.76  ? 6   DA  A "C1'" 1 
ATOM   110 N  N9    . DA  A 1 6  ? -1.340  3.897   -0.771  1.00 9.18  ? 6   DA  A N9    1 
ATOM   111 C  C8    . DA  A 1 6  ? -2.699  4.054   -0.723  1.00 10.04 ? 6   DA  A C8    1 
ATOM   112 N  N7    . DA  A 1 6  ? -3.339  3.448   -1.696  1.00 10.19 ? 6   DA  A N7    1 
ATOM   113 C  C5    . DA  A 1 6  ? -2.330  2.857   -2.439  1.00 10.09 ? 6   DA  A C5    1 
ATOM   114 C  C6    . DA  A 1 6  ? -2.343  2.059   -3.604  1.00 9.97  ? 6   DA  A C6    1 
ATOM   115 N  N6    . DA  A 1 6  ? -3.453  1.726   -4.273  1.00 8.84  ? 6   DA  A N6    1 
ATOM   116 N  N1    . DA  A 1 6  ? -1.158  1.613   -4.068  1.00 6.75  ? 6   DA  A N1    1 
ATOM   117 C  C2    . DA  A 1 6  ? -0.046  1.953   -3.417  1.00 10.48 ? 6   DA  A C2    1 
ATOM   118 N  N3    . DA  A 1 6  ? 0.100   2.701   -2.324  1.00 11.20 ? 6   DA  A N3    1 
ATOM   119 C  C4    . DA  A 1 6  ? -1.094  3.125   -1.881  1.00 10.61 ? 6   DA  A C4    1 
ATOM   120 P  P     . DC  A 1 7  ? 2.625   6.547   2.996   1.00 16.92 ? 7   DC  A P     1 
ATOM   121 O  OP1   . DC  A 1 7  ? 3.976   6.776   2.430   1.00 16.35 ? 7   DC  A OP1   1 
ATOM   122 O  OP2   . DC  A 1 7  ? 2.471   5.645   4.158   1.00 13.23 ? 7   DC  A OP2   1 
ATOM   123 O  "O5'" . DC  A 1 7  ? 1.990   7.962   3.373   1.00 15.75 ? 7   DC  A "O5'" 1 
ATOM   124 C  "C5'" . DC  A 1 7  ? 1.836   8.972   2.387   1.00 13.50 ? 7   DC  A "C5'" 1 
ATOM   125 C  "C4'" . DC  A 1 7  ? 1.494   10.291  3.036   1.00 13.48 ? 7   DC  A "C4'" 1 
ATOM   126 O  "O4'" . DC  A 1 7  ? 0.172   10.243  3.619   1.00 13.43 ? 7   DC  A "O4'" 1 
ATOM   127 C  "C3'" . DC  A 1 7  ? 2.423   10.723  4.165   1.00 12.13 ? 7   DC  A "C3'" 1 
ATOM   128 O  "O3'" . DC  A 1 7  ? 2.461   12.154  4.180   1.00 13.95 ? 7   DC  A "O3'" 1 
ATOM   129 C  "C2'" . DC  A 1 7  ? 1.700   10.217  5.397   1.00 8.17  ? 7   DC  A "C2'" 1 
ATOM   130 C  "C1'" . DC  A 1 7  ? 0.253   10.480  5.014   1.00 7.97  ? 7   DC  A "C1'" 1 
ATOM   131 N  N1    . DC  A 1 7  ? -0.716  9.593   5.672   1.00 6.61  ? 7   DC  A N1    1 
ATOM   132 C  C2    . DC  A 1 7  ? -1.418  10.070  6.792   1.00 5.01  ? 7   DC  A C2    1 
ATOM   133 O  O2    . DC  A 1 7  ? -1.143  11.205  7.243   1.00 8.00  ? 7   DC  A O2    1 
ATOM   134 N  N3    . DC  A 1 7  ? -2.360  9.277   7.365   1.00 4.39  ? 7   DC  A N3    1 
ATOM   135 C  C4    . DC  A 1 7  ? -2.592  8.054   6.881   1.00 3.18  ? 7   DC  A C4    1 
ATOM   136 N  N4    . DC  A 1 7  ? -3.567  7.337   7.437   1.00 1.39  ? 7   DC  A N4    1 
ATOM   137 C  C5    . DC  A 1 7  ? -1.845  7.523   5.785   1.00 4.54  ? 7   DC  A C5    1 
ATOM   138 C  C6    . DC  A 1 7  ? -0.936  8.326   5.207   1.00 4.36  ? 7   DC  A C6    1 
ATOM   139 P  P     . DC  A 1 8  ? 3.870   12.908  4.224   1.00 14.28 ? 8   DC  A P     1 
ATOM   140 O  OP1   . DC  A 1 8  ? 3.579   14.362  4.098   1.00 16.75 ? 8   DC  A OP1   1 
ATOM   141 O  OP2   . DC  A 1 8  ? 4.804   12.252  3.292   1.00 15.44 ? 8   DC  A OP2   1 
ATOM   142 O  "O5'" . DC  A 1 8  ? 4.406   12.623  5.703   1.00 16.85 ? 8   DC  A "O5'" 1 
ATOM   143 C  "C5'" . DC  A 1 8  ? 4.235   13.576  6.744   1.00 11.29 ? 8   DC  A "C5'" 1 
ATOM   144 C  "C4'" . DC  A 1 8  ? 4.609   12.967  8.077   1.00 14.87 ? 8   DC  A "C4'" 1 
ATOM   145 O  "O4'" . DC  A 1 8  ? 3.752   11.838  8.378   1.00 11.74 ? 8   DC  A "O4'" 1 
ATOM   146 C  "C3'" . DC  A 1 8  ? 6.041   12.444  8.176   1.00 16.17 ? 8   DC  A "C3'" 1 
ATOM   147 O  "O3'" . DC  A 1 8  ? 6.543   12.737  9.484   1.00 19.76 ? 8   DC  A "O3'" 1 
ATOM   148 C  "C2'" . DC  A 1 8  ? 5.880   10.945  8.014   1.00 13.98 ? 8   DC  A "C2'" 1 
ATOM   149 C  "C1'" . DC  A 1 8  ? 4.553   10.722  8.720   1.00 13.16 ? 8   DC  A "C1'" 1 
ATOM   150 N  N1    . DC  A 1 8  ? 3.805   9.522   8.336   1.00 12.64 ? 8   DC  A N1    1 
ATOM   151 C  C2    . DC  A 1 8  ? 2.707   9.171   9.107   1.00 13.80 ? 8   DC  A C2    1 
ATOM   152 O  O2    . DC  A 1 8  ? 2.421   9.882   10.083  1.00 12.07 ? 8   DC  A O2    1 
ATOM   153 N  N3    . DC  A 1 8  ? 1.976   8.081   8.770   1.00 13.82 ? 8   DC  A N3    1 
ATOM   154 C  C4    . DC  A 1 8  ? 2.304   7.372   7.691   1.00 14.01 ? 8   DC  A C4    1 
ATOM   155 N  N4    . DC  A 1 8  ? 1.528   6.334   7.364   1.00 13.74 ? 8   DC  A N4    1 
ATOM   156 C  C5    . DC  A 1 8  ? 3.433   7.703   6.891   1.00 14.06 ? 8   DC  A C5    1 
ATOM   157 C  C6    . DC  A 1 8  ? 4.154   8.775   7.250   1.00 13.09 ? 8   DC  A C6    1 
ATOM   158 P  P     . DG  A 1 9  ? 7.592   13.944  9.684   1.00 23.80 ? 9   DG  A P     1 
ATOM   159 O  OP1   . DG  A 1 9  ? 6.934   15.188  9.211   1.00 21.23 ? 9   DG  A OP1   1 
ATOM   160 O  OP2   . DG  A 1 9  ? 8.912   13.539  9.113   1.00 23.42 ? 9   DG  A OP2   1 
ATOM   161 O  "O5'" . DG  A 1 9  ? 7.747   14.030  11.265  1.00 22.53 ? 9   DG  A "O5'" 1 
ATOM   162 C  "C5'" . DG  A 1 9  ? 6.685   14.529  12.070  1.00 18.26 ? 9   DG  A "C5'" 1 
ATOM   163 C  "C4'" . DG  A 1 9  ? 6.441   13.593  13.227  1.00 19.86 ? 9   DG  A "C4'" 1 
ATOM   164 O  "O4'" . DG  A 1 9  ? 5.940   12.333  12.738  1.00 17.32 ? 9   DG  A "O4'" 1 
ATOM   165 C  "C3'" . DG  A 1 9  ? 7.699   13.250  14.027  1.00 20.80 ? 9   DG  A "C3'" 1 
ATOM   166 O  "O3'" . DG  A 1 9  ? 7.339   13.009  15.395  1.00 20.58 ? 9   DG  A "O3'" 1 
ATOM   167 C  "C2'" . DG  A 1 9  ? 8.142   11.944  13.402  1.00 20.20 ? 9   DG  A "C2'" 1 
ATOM   168 C  "C1'" . DG  A 1 9  ? 6.797   11.291  13.185  1.00 21.06 ? 9   DG  A "C1'" 1 
ATOM   169 N  N9    . DG  A 1 9  ? 6.750   10.230  12.191  1.00 20.46 ? 9   DG  A N9    1 
ATOM   170 C  C8    . DG  A 1 9  ? 7.526   10.098  11.064  1.00 20.80 ? 9   DG  A C8    1 
ATOM   171 N  N7    . DG  A 1 9  ? 7.147   9.110   10.301  1.00 20.37 ? 9   DG  A N7    1 
ATOM   172 C  C5    . DG  A 1 9  ? 6.077   8.545   10.983  1.00 18.71 ? 9   DG  A C5    1 
ATOM   173 C  C6    . DG  A 1 9  ? 5.244   7.470   10.629  1.00 17.87 ? 9   DG  A C6    1 
ATOM   174 O  O6    . DG  A 1 9  ? 5.283   6.785   9.593   1.00 15.52 ? 9   DG  A O6    1 
ATOM   175 N  N1    . DG  A 1 9  ? 4.287   7.217   11.615  1.00 16.03 ? 9   DG  A N1    1 
ATOM   176 C  C2    . DG  A 1 9  ? 4.163   7.924   12.798  1.00 17.00 ? 9   DG  A C2    1 
ATOM   177 N  N2    . DG  A 1 9  ? 3.203   7.529   13.645  1.00 12.77 ? 9   DG  A N2    1 
ATOM   178 N  N3    . DG  A 1 9  ? 4.933   8.943   13.124  1.00 16.70 ? 9   DG  A N3    1 
ATOM   179 C  C4    . DG  A 1 9  ? 5.855   9.198   12.175  1.00 18.68 ? 9   DG  A C4    1 
ATOM   180 P  P     . DG  A 1 10 ? 7.771   14.061  16.528  1.00 22.33 ? 10  DG  A P     1 
ATOM   181 O  OP1   . DG  A 1 10 ? 7.124   15.362  16.140  1.00 21.50 ? 10  DG  A OP1   1 
ATOM   182 O  OP2   . DG  A 1 10 ? 9.251   13.970  16.660  1.00 20.90 ? 10  DG  A OP2   1 
ATOM   183 O  "O5'" . DG  A 1 10 ? 7.139   13.476  17.876  1.00 20.02 ? 10  DG  A "O5'" 1 
ATOM   184 C  "C5'" . DG  A 1 10 ? 5.730   13.400  18.074  1.00 16.79 ? 10  DG  A "C5'" 1 
ATOM   185 C  "C4'" . DG  A 1 10 ? 5.367   12.130  18.807  1.00 15.50 ? 10  DG  A "C4'" 1 
ATOM   186 O  "O4'" . DG  A 1 10 ? 5.446   11.000  17.914  1.00 14.73 ? 10  DG  A "O4'" 1 
ATOM   187 C  "C3'" . DG  A 1 10 ? 6.256   11.767  19.993  1.00 16.59 ? 10  DG  A "C3'" 1 
ATOM   188 O  "O3'" . DG  A 1 10 ? 5.441   10.942  20.859  1.00 16.35 ? 10  DG  A "O3'" 1 
ATOM   189 C  "C2'" . DG  A 1 10 ? 7.326   10.911  19.334  1.00 16.94 ? 10  DG  A "C2'" 1 
ATOM   190 C  "C1'" . DG  A 1 10 ? 6.520   10.154  18.285  1.00 16.18 ? 10  DG  A "C1'" 1 
ATOM   191 N  N9    . DG  A 1 10 ? 7.249   9.836   17.064  1.00 16.86 ? 10  DG  A N9    1 
ATOM   192 C  C8    . DG  A 1 10 ? 8.225   10.591  16.451  1.00 16.07 ? 10  DG  A C8    1 
ATOM   193 N  N7    . DG  A 1 10 ? 8.686   10.044  15.360  1.00 17.02 ? 10  DG  A N7    1 
ATOM   194 C  C5    . DG  A 1 10 ? 7.966   8.859   15.241  1.00 16.96 ? 10  DG  A C5    1 
ATOM   195 C  C6    . DG  A 1 10 ? 8.014   7.852   14.248  1.00 16.32 ? 10  DG  A C6    1 
ATOM   196 O  O6    . DG  A 1 10 ? 8.701   7.819   13.222  1.00 14.80 ? 10  DG  A O6    1 
ATOM   197 N  N1    . DG  A 1 10 ? 7.125   6.814   14.532  1.00 15.11 ? 10  DG  A N1    1 
ATOM   198 C  C2    . DG  A 1 10 ? 6.270   6.771   15.607  1.00 15.52 ? 10  DG  A C2    1 
ATOM   199 N  N2    . DG  A 1 10 ? 5.449   5.704   15.680  1.00 14.09 ? 10  DG  A N2    1 
ATOM   200 N  N3    . DG  A 1 10 ? 6.212   7.704   16.535  1.00 15.00 ? 10  DG  A N3    1 
ATOM   201 C  C4    . DG  A 1 10 ? 7.082   8.713   16.291  1.00 16.57 ? 10  DG  A C4    1 
ATOM   202 O  "O5'" . DC  B 2 1  ? -6.060  14.586  -7.046  1.00 20.60 ? 11  DC  B "O5'" 1 
ATOM   203 C  "C5'" . DC  B 2 1  ? -4.781  15.079  -7.431  1.00 16.89 ? 11  DC  B "C5'" 1 
ATOM   204 C  "C4'" . DC  B 2 1  ? -4.831  15.334  -8.918  1.00 19.03 ? 11  DC  B "C4'" 1 
ATOM   205 O  "O4'" . DC  B 2 1  ? -3.532  15.789  -9.379  1.00 16.37 ? 11  DC  B "O4'" 1 
ATOM   206 C  "C3'" . DC  B 2 1  ? -5.160  14.089  -9.743  1.00 18.16 ? 11  DC  B "C3'" 1 
ATOM   207 O  "O3'" . DC  B 2 1  ? -5.954  14.467  -10.864 1.00 18.82 ? 11  DC  B "O3'" 1 
ATOM   208 C  "C2'" . DC  B 2 1  ? -3.795  13.626  -10.215 1.00 16.11 ? 11  DC  B "C2'" 1 
ATOM   209 C  "C1'" . DC  B 2 1  ? -3.101  14.959  -10.432 1.00 13.39 ? 11  DC  B "C1'" 1 
ATOM   210 N  N1    . DC  B 2 1  ? -1.647  14.880  -10.364 1.00 13.21 ? 11  DC  B N1    1 
ATOM   211 C  C2    . DC  B 2 1  ? -0.979  14.298  -11.420 1.00 10.30 ? 11  DC  B C2    1 
ATOM   212 O  O2    . DC  B 2 1  ? -1.648  13.894  -12.389 1.00 8.81  ? 11  DC  B O2    1 
ATOM   213 N  N3    . DC  B 2 1  ? 0.368   14.183  -11.373 1.00 10.59 ? 11  DC  B N3    1 
ATOM   214 C  C4    . DC  B 2 1  ? 1.038   14.626  -10.312 1.00 12.84 ? 11  DC  B C4    1 
ATOM   215 N  N4    . DC  B 2 1  ? 2.368   14.449  -10.291 1.00 15.03 ? 11  DC  B N4    1 
ATOM   216 C  C5    . DC  B 2 1  ? 0.378   15.252  -9.216  1.00 13.83 ? 11  DC  B C5    1 
ATOM   217 C  C6    . DC  B 2 1  ? -0.960  15.357  -9.283  1.00 13.44 ? 11  DC  B C6    1 
ATOM   218 P  P     . DC  B 2 2  ? -7.367  13.757  -11.115 1.00 20.93 ? 12  DC  B P     1 
ATOM   219 O  OP1   . DC  B 2 2  ? -7.716  14.002  -12.547 1.00 20.39 ? 12  DC  B OP1   1 
ATOM   220 O  OP2   . DC  B 2 2  ? -8.319  14.169  -10.031 1.00 17.71 ? 12  DC  B OP2   1 
ATOM   221 O  "O5'" . DC  B 2 2  ? -7.062  12.198  -10.960 1.00 18.84 ? 12  DC  B "O5'" 1 
ATOM   222 C  "C5'" . DC  B 2 2  ? -7.341  11.291  -12.023 1.00 14.64 ? 12  DC  B "C5'" 1 
ATOM   223 C  "C4'" . DC  B 2 2  ? -6.845  9.909   -11.677 1.00 11.70 ? 12  DC  B "C4'" 1 
ATOM   224 O  "O4'" . DC  B 2 2  ? -5.489  10.060  -11.200 1.00 11.14 ? 12  DC  B "O4'" 1 
ATOM   225 C  "C3'" . DC  B 2 2  ? -7.611  9.180   -10.563 1.00 11.97 ? 12  DC  B "C3'" 1 
ATOM   226 O  "O3'" . DC  B 2 2  ? -7.734  7.797   -10.912 1.00 14.89 ? 12  DC  B "O3'" 1 
ATOM   227 C  "C2'" . DC  B 2 2  ? -6.706  9.322   -9.354  1.00 10.12 ? 12  DC  B "C2'" 1 
ATOM   228 C  "C1'" . DC  B 2 2  ? -5.325  9.342   -9.993  1.00 8.85  ? 12  DC  B "C1'" 1 
ATOM   229 N  N1    . DC  B 2 2  ? -4.253  10.000  -9.231  1.00 8.03  ? 12  DC  B N1    1 
ATOM   230 C  C2    . DC  B 2 2  ? -2.939  9.881   -9.697  1.00 6.99  ? 12  DC  B C2    1 
ATOM   231 O  O2    . DC  B 2 2  ? -2.718  9.175   -10.694 1.00 5.81  ? 12  DC  B O2    1 
ATOM   232 N  N3    . DC  B 2 2  ? -1.943  10.520  -9.041  1.00 6.51  ? 12  DC  B N3    1 
ATOM   233 C  C4    . DC  B 2 2  ? -2.213  11.206  -7.931  1.00 7.54  ? 12  DC  B C4    1 
ATOM   234 N  N4    . DC  B 2 2  ? -1.192  11.783  -7.291  1.00 5.95  ? 12  DC  B N4    1 
ATOM   235 C  C5    . DC  B 2 2  ? -3.543  11.324  -7.419  1.00 7.34  ? 12  DC  B C5    1 
ATOM   236 C  C6    . DC  B 2 2  ? -4.522  10.721  -8.098  1.00 6.67  ? 12  DC  B C6    1 
ATOM   237 P  P     . DG  B 2 3  ? -8.789  7.361   -12.049 1.00 15.27 ? 13  DG  B P     1 
ATOM   238 O  OP1   . DG  B 2 3  ? -9.001  8.508   -12.969 1.00 16.25 ? 13  DG  B OP1   1 
ATOM   239 O  OP2   . DG  B 2 3  ? -9.943  6.733   -11.359 1.00 18.67 ? 13  DG  B OP2   1 
ATOM   240 O  "O5'" . DG  B 2 3  ? -8.037  6.289   -12.948 1.00 16.02 ? 13  DG  B "O5'" 1 
ATOM   241 C  "C5'" . DG  B 2 3  ? -7.948  4.942   -12.557 1.00 15.02 ? 13  DG  B "C5'" 1 
ATOM   242 C  "C4'" . DG  B 2 3  ? -6.520  4.483   -12.689 1.00 15.48 ? 13  DG  B "C4'" 1 
ATOM   243 O  "O4'" . DG  B 2 3  ? -5.668  5.334   -11.883 1.00 14.26 ? 13  DG  B "O4'" 1 
ATOM   244 C  "C3'" . DG  B 2 3  ? -6.274  3.072   -12.193 1.00 13.65 ? 13  DG  B "C3'" 1 
ATOM   245 O  "O3'" . DG  B 2 3  ? -5.197  2.532   -12.947 1.00 14.36 ? 13  DG  B "O3'" 1 
ATOM   246 C  "C2'" . DG  B 2 3  ? -5.822  3.301   -10.764 1.00 13.06 ? 13  DG  B "C2'" 1 
ATOM   247 C  "C1'" . DG  B 2 3  ? -5.001  4.560   -10.911 1.00 11.44 ? 13  DG  B "C1'" 1 
ATOM   248 N  N9    . DG  B 2 3  ? -4.869  5.384   -9.715  1.00 10.40 ? 13  DG  B N9    1 
ATOM   249 C  C8    . DG  B 2 3  ? -5.862  5.782   -8.851  1.00 10.13 ? 13  DG  B C8    1 
ATOM   250 N  N7    . DG  B 2 3  ? -5.429  6.568   -7.905  1.00 8.90  ? 13  DG  B N7    1 
ATOM   251 C  C5    . DG  B 2 3  ? -4.070  6.680   -8.151  1.00 9.22  ? 13  DG  B C5    1 
ATOM   252 C  C6    . DG  B 2 3  ? -3.067  7.405   -7.463  1.00 7.63  ? 13  DG  B C6    1 
ATOM   253 O  O6    . DG  B 2 3  ? -3.180  8.093   -6.442  1.00 6.87  ? 13  DG  B O6    1 
ATOM   254 N  N1    . DG  B 2 3  ? -1.830  7.269   -8.079  1.00 6.54  ? 13  DG  B N1    1 
ATOM   255 C  C2    . DG  B 2 3  ? -1.588  6.515   -9.205  1.00 7.14  ? 13  DG  B C2    1 
ATOM   256 N  N2    . DG  B 2 3  ? -0.349  6.534   -9.691  1.00 5.14  ? 13  DG  B N2    1 
ATOM   257 N  N3    . DG  B 2 3  ? -2.502  5.805   -9.825  1.00 7.78  ? 13  DG  B N3    1 
ATOM   258 C  C4    . DG  B 2 3  ? -3.712  5.944   -9.259  1.00 9.19  ? 13  DG  B C4    1 
ATOM   259 P  P     . DG  B 2 4  ? -5.501  1.511   -14.142 1.00 12.51 ? 14  DG  B P     1 
ATOM   260 O  OP1   . DG  B 2 4  ? -5.901  2.325   -15.318 1.00 13.17 ? 14  DG  B OP1   1 
ATOM   261 O  OP2   . DG  B 2 4  ? -6.389  0.445   -13.641 1.00 11.26 ? 14  DG  B OP2   1 
ATOM   262 O  "O5'" . DG  B 2 4  ? -4.085  0.897   -14.476 1.00 7.70  ? 14  DG  B "O5'" 1 
ATOM   263 C  "C5'" . DG  B 2 4  ? -3.066  1.698   -15.016 1.00 6.21  ? 14  DG  B "C5'" 1 
ATOM   264 C  "C4'" . DG  B 2 4  ? -1.747  1.358   -14.370 1.00 6.80  ? 14  DG  B "C4'" 1 
ATOM   265 O  "O4'" . DG  B 2 4  ? -1.686  1.943   -13.046 1.00 6.51  ? 14  DG  B "O4'" 1 
ATOM   266 C  "C3'" . DG  B 2 4  ? -1.454  -0.140  -14.210 1.00 2.83  ? 14  DG  B "C3'" 1 
ATOM   267 O  "O3'" . DG  B 2 4  ? -0.076  -0.373  -14.541 1.00 6.75  ? 14  DG  B "O3'" 1 
ATOM   268 C  "C2'" . DG  B 2 4  ? -1.769  -0.396  -12.747 1.00 7.90  ? 14  DG  B "C2'" 1 
ATOM   269 C  "C1'" . DG  B 2 4  ? -1.450  0.940   -12.070 1.00 7.12  ? 14  DG  B "C1'" 1 
ATOM   270 N  N9    . DG  B 2 4  ? -2.274  1.277   -10.910 1.00 7.12  ? 14  DG  B N9    1 
ATOM   271 C  C8    . DG  B 2 4  ? -3.582  0.925   -10.690 1.00 5.72  ? 14  DG  B C8    1 
ATOM   272 N  N7    . DG  B 2 4  ? -4.065  1.420   -9.576  1.00 5.68  ? 14  DG  B N7    1 
ATOM   273 C  C5    . DG  B 2 4  ? -3.014  2.136   -9.020  1.00 4.88  ? 14  DG  B C5    1 
ATOM   274 C  C6    . DG  B 2 4  ? -2.944  2.908   -7.807  1.00 3.13  ? 14  DG  B C6    1 
ATOM   275 O  O6    . DG  B 2 4  ? -3.815  3.106   -6.971  1.00 2.58  ? 14  DG  B O6    1 
ATOM   276 N  N1    . DG  B 2 4  ? -1.695  3.473   -7.631  1.00 1.27  ? 14  DG  B N1    1 
ATOM   277 C  C2    . DG  B 2 4  ? -0.634  3.325   -8.478  1.00 4.59  ? 14  DG  B C2    1 
ATOM   278 N  N2    . DG  B 2 4  ? 0.506   3.963   -8.098  1.00 2.57  ? 14  DG  B N2    1 
ATOM   279 N  N3    . DG  B 2 4  ? -0.674  2.609   -9.612  1.00 4.83  ? 14  DG  B N3    1 
ATOM   280 C  C4    . DG  B 2 4  ? -1.891  2.052   -9.816  1.00 6.24  ? 14  DG  B C4    1 
ATOM   281 P  P     . DT  B 2 5  ? 0.613   -1.809  -14.231 1.00 12.55 ? 15  DT  B P     1 
ATOM   282 O  OP1   . DT  B 2 5  ? 1.674   -2.014  -15.233 1.00 10.61 ? 15  DT  B OP1   1 
ATOM   283 O  OP2   . DT  B 2 5  ? -0.410  -2.863  -14.029 1.00 7.12  ? 15  DT  B OP2   1 
ATOM   284 O  "O5'" . DT  B 2 5  ? 1.347   -1.547  -12.836 1.00 8.72  ? 15  DT  B "O5'" 1 
ATOM   285 C  "C5'" . DT  B 2 5  ? 2.156   -0.391  -12.668 1.00 12.81 ? 15  DT  B "C5'" 1 
ATOM   286 C  "C4'" . DT  B 2 5  ? 2.874   -0.426  -11.341 1.00 16.12 ? 15  DT  B "C4'" 1 
ATOM   287 O  "O4'" . DT  B 2 5  ? 2.060   0.151   -10.294 1.00 17.26 ? 15  DT  B "O4'" 1 
ATOM   288 C  "C3'" . DT  B 2 5  ? 3.304   -1.813  -10.862 1.00 18.12 ? 15  DT  B "C3'" 1 
ATOM   289 O  "O3'" . DT  B 2 5  ? 4.677   -1.745  -10.455 1.00 21.73 ? 15  DT  B "O3'" 1 
ATOM   290 C  "C2'" . DT  B 2 5  ? 2.349   -2.101  -9.711  1.00 17.46 ? 15  DT  B "C2'" 1 
ATOM   291 C  "C1'" . DT  B 2 5  ? 2.031   -0.705  -9.168  1.00 17.27 ? 15  DT  B "C1'" 1 
ATOM   292 N  N1    . DT  B 2 5  ? 0.701   -0.545  -8.525  1.00 17.42 ? 15  DT  B N1    1 
ATOM   293 C  C2    . DT  B 2 5  ? 0.588   0.294   -7.428  1.00 17.91 ? 15  DT  B C2    1 
ATOM   294 O  O2    . DT  B 2 5  ? 1.535   0.891   -6.935  1.00 16.55 ? 15  DT  B O2    1 
ATOM   295 N  N3    . DT  B 2 5  ? -0.688  0.405   -6.929  1.00 17.78 ? 15  DT  B N3    1 
ATOM   296 C  C4    . DT  B 2 5  ? -1.830  -0.230  -7.395  1.00 19.20 ? 15  DT  B C4    1 
ATOM   297 O  O4    . DT  B 2 5  ? -2.921  -0.004  -6.878  1.00 20.01 ? 15  DT  B O4    1 
ATOM   298 C  C5    . DT  B 2 5  ? -1.629  -1.118  -8.506  1.00 17.47 ? 15  DT  B C5    1 
ATOM   299 C  C7    . DT  B 2 5  ? -2.794  -1.896  -9.024  1.00 17.77 ? 15  DT  B C7    1 
ATOM   300 C  C6    . DT  B 2 5  ? -0.396  -1.219  -9.019  1.00 17.97 ? 15  DT  B C6    1 
ATOM   301 P  P     . DA  B 2 6  ? 5.575   -3.084  -10.378 1.00 23.04 ? 16  DA  B P     1 
ATOM   302 O  OP1   . DA  B 2 6  ? 6.722   -2.935  -11.311 1.00 20.12 ? 16  DA  B OP1   1 
ATOM   303 O  OP2   . DA  B 2 6  ? 4.724   -4.298  -10.445 1.00 22.08 ? 16  DA  B OP2   1 
ATOM   304 O  "O5'" . DA  B 2 6  ? 6.182   -2.969  -8.916  1.00 21.88 ? 16  DA  B "O5'" 1 
ATOM   305 C  "C5'" . DA  B 2 6  ? 6.830   -1.770  -8.521  1.00 21.69 ? 16  DA  B "C5'" 1 
ATOM   306 C  "C4'" . DA  B 2 6  ? 6.838   -1.665  -7.020  1.00 22.59 ? 16  DA  B "C4'" 1 
ATOM   307 O  "O4'" . DA  B 2 6  ? 5.497   -1.419  -6.519  1.00 22.42 ? 16  DA  B "O4'" 1 
ATOM   308 C  "C3'" . DA  B 2 6  ? 7.312   -2.960  -6.375  1.00 23.11 ? 16  DA  B "C3'" 1 
ATOM   309 O  "O3'" . DA  B 2 6  ? 8.266   -2.656  -5.384  1.00 26.32 ? 16  DA  B "O3'" 1 
ATOM   310 C  "C2'" . DA  B 2 6  ? 6.057   -3.565  -5.769  1.00 22.59 ? 16  DA  B "C2'" 1 
ATOM   311 C  "C1'" . DA  B 2 6  ? 5.156   -2.365  -5.523  1.00 20.84 ? 16  DA  B "C1'" 1 
ATOM   312 N  N9    . DA  B 2 6  ? 3.729   -2.665  -5.665  1.00 20.99 ? 16  DA  B N9    1 
ATOM   313 C  C8    . DA  B 2 6  ? 3.151   -3.541  -6.554  1.00 20.57 ? 16  DA  B C8    1 
ATOM   314 N  N7    . DA  B 2 6  ? 1.848   -3.597  -6.466  1.00 20.18 ? 16  DA  B N7    1 
ATOM   315 C  C5    . DA  B 2 6  ? 1.543   -2.704  -5.450  1.00 18.72 ? 16  DA  B C5    1 
ATOM   316 C  C6    . DA  B 2 6  ? 0.322   -2.303  -4.890  1.00 19.26 ? 16  DA  B C6    1 
ATOM   317 N  N6    . DA  B 2 6  ? -0.854  -2.782  -5.283  1.00 16.76 ? 16  DA  B N6    1 
ATOM   318 N  N1    . DA  B 2 6  ? 0.352   -1.384  -3.898  1.00 18.77 ? 16  DA  B N1    1 
ATOM   319 C  C2    . DA  B 2 6  ? 1.545   -0.918  -3.500  1.00 19.95 ? 16  DA  B C2    1 
ATOM   320 N  N3    . DA  B 2 6  ? 2.767   -1.227  -3.949  1.00 20.69 ? 16  DA  B N3    1 
ATOM   321 C  C4    . DA  B 2 6  ? 2.691   -2.131  -4.940  1.00 19.59 ? 16  DA  B C4    1 
ATOM   322 P  P     . DU  B 2 7  ? 8.891   -3.836  -4.513  1.00 22.30 ? 17  DU  B P     1 
ATOM   323 O  OP1   . DU  B 2 7  ? 10.351  -3.644  -4.618  1.00 25.74 ? 17  DU  B OP1   1 
ATOM   324 O  OP2   . DU  B 2 7  ? 8.278   -5.117  -4.938  1.00 25.17 ? 17  DU  B OP2   1 
ATOM   325 O  "O5'" . DU  B 2 7  ? 8.393   -3.433  -3.063  1.00 21.64 ? 17  DU  B "O5'" 1 
ATOM   326 C  "C5'" . DU  B 2 7  ? 8.156   -2.058  -2.776  1.00 20.08 ? 17  DU  B "C5'" 1 
ATOM   327 C  "C4'" . DU  B 2 7  ? 7.204   -1.914  -1.617  1.00 19.50 ? 17  DU  B "C4'" 1 
ATOM   328 O  "O4'" . DU  B 2 7  ? 5.848   -2.217  -2.019  1.00 21.65 ? 17  DU  B "O4'" 1 
ATOM   329 C  "C3'" . DU  B 2 7  ? 7.511   -2.834  -0.443  1.00 19.82 ? 17  DU  B "C3'" 1 
ATOM   330 O  "O3'" . DU  B 2 7  ? 7.294   -2.110  0.760   1.00 23.11 ? 17  DU  B "O3'" 1 
ATOM   331 C  "C2'" . DU  B 2 7  ? 6.480   -3.944  -0.590  1.00 20.05 ? 17  DU  B "C2'" 1 
ATOM   332 C  "C1'" . DU  B 2 7  ? 5.293   -3.178  -1.135  1.00 16.31 ? 17  DU  B "C1'" 1 
ATOM   333 N  N1    . DU  B 2 7  ? 4.309   -3.966  -1.893  1.00 15.19 ? 17  DU  B N1    1 
ATOM   334 C  C2    . DU  B 2 7  ? 2.981   -3.852  -1.514  1.00 12.64 ? 17  DU  B C2    1 
ATOM   335 O  O2    . DU  B 2 7  ? 2.621   -3.191  -0.564  1.00 14.97 ? 17  DU  B O2    1 
ATOM   336 N  N3    . DU  B 2 7  ? 2.093   -4.557  -2.277  1.00 12.41 ? 17  DU  B N3    1 
ATOM   337 C  C4    . DU  B 2 7  ? 2.378   -5.380  -3.329  1.00 11.39 ? 17  DU  B C4    1 
ATOM   338 O  O4    . DU  B 2 7  ? 1.463   -5.977  -3.870  1.00 10.08 ? 17  DU  B O4    1 
ATOM   339 C  C5    . DU  B 2 7  ? 3.771   -5.484  -3.654  1.00 12.16 ? 17  DU  B C5    1 
ATOM   340 C  C6    . DU  B 2 7  ? 4.672   -4.778  -2.943  1.00 13.04 ? 17  DU  B C6    1 
ATOM   341 P  P     . DC  B 2 8  ? 8.149   -2.469  2.062   1.00 25.02 ? 18  DC  B P     1 
ATOM   342 O  OP1   . DC  B 2 8  ? 8.432   -1.191  2.762   1.00 24.45 ? 18  DC  B OP1   1 
ATOM   343 O  OP2   . DC  B 2 8  ? 9.273   -3.345  1.619   1.00 24.72 ? 18  DC  B OP2   1 
ATOM   344 O  "O5'" . DC  B 2 8  ? 7.150   -3.330  2.952   1.00 24.78 ? 18  DC  B "O5'" 1 
ATOM   345 C  "C5'" . DC  B 2 8  ? 5.903   -2.788  3.381   1.00 24.90 ? 18  DC  B "C5'" 1 
ATOM   346 C  "C4'" . DC  B 2 8  ? 5.066   -3.861  4.043   1.00 23.34 ? 18  DC  B "C4'" 1 
ATOM   347 O  "O4'" . DC  B 2 8  ? 4.415   -4.726  3.082   1.00 21.11 ? 18  DC  B "O4'" 1 
ATOM   348 C  "C3'" . DC  B 2 8  ? 5.821   -4.787  4.989   1.00 22.36 ? 18  DC  B "C3'" 1 
ATOM   349 O  "O3'" . DC  B 2 8  ? 4.988   -5.003  6.136   1.00 21.94 ? 18  DC  B "O3'" 1 
ATOM   350 C  "C2'" . DC  B 2 8  ? 5.996   -6.051  4.164   1.00 21.12 ? 18  DC  B "C2'" 1 
ATOM   351 C  "C1'" . DC  B 2 8  ? 4.686   -6.078  3.402   1.00 19.40 ? 18  DC  B "C1'" 1 
ATOM   352 N  N1    . DC  B 2 8  ? 4.647   -6.830  2.144   1.00 17.25 ? 18  DC  B N1    1 
ATOM   353 C  C2    . DC  B 2 8  ? 3.389   -7.151  1.617   1.00 17.27 ? 18  DC  B C2    1 
ATOM   354 O  O2    . DC  B 2 8  ? 2.370   -6.852  2.270   1.00 15.86 ? 18  DC  B O2    1 
ATOM   355 N  N3    . DC  B 2 8  ? 3.315   -7.785  0.423   1.00 16.48 ? 18  DC  B N3    1 
ATOM   356 C  C4    . DC  B 2 8  ? 4.436   -8.120  -0.221  1.00 15.16 ? 18  DC  B C4    1 
ATOM   357 N  N4    . DC  B 2 8  ? 4.312   -8.745  -1.394  1.00 15.94 ? 18  DC  B N4    1 
ATOM   358 C  C5    . DC  B 2 8  ? 5.732   -7.831  0.309   1.00 14.58 ? 18  DC  B C5    1 
ATOM   359 C  C6    . DC  B 2 8  ? 5.790   -7.188  1.484   1.00 14.82 ? 18  DC  B C6    1 
ATOM   360 P  P     . DG  B 2 9  ? 5.177   -4.064  7.426   1.00 19.17 ? 19  DG  B P     1 
ATOM   361 O  OP1   . DG  B 2 9  ? 4.934   -2.662  7.000   1.00 23.16 ? 19  DG  B OP1   1 
ATOM   362 O  OP2   . DG  B 2 9  ? 6.460   -4.414  8.053   1.00 21.67 ? 19  DG  B OP2   1 
ATOM   363 O  "O5'" . DG  B 2 9  ? 3.976   -4.486  8.374   1.00 23.04 ? 19  DG  B "O5'" 1 
ATOM   364 C  "C5'" . DG  B 2 9  ? 2.663   -4.017  8.114   1.00 21.45 ? 19  DG  B "C5'" 1 
ATOM   365 C  "C4'" . DG  B 2 9  ? 1.700   -5.175  8.124   1.00 24.26 ? 19  DG  B "C4'" 1 
ATOM   366 O  "O4'" . DG  B 2 9  ? 1.976   -6.094  7.037   1.00 25.74 ? 19  DG  B "O4'" 1 
ATOM   367 C  "C3'" . DG  B 2 9  ? 1.802   -6.006  9.392   1.00 26.12 ? 19  DG  B "C3'" 1 
ATOM   368 O  "O3'" . DG  B 2 9  ? 0.510   -6.510  9.677   1.00 27.06 ? 19  DG  B "O3'" 1 
ATOM   369 C  "C2'" . DG  B 2 9  ? 2.708   -7.149  8.985   1.00 25.62 ? 19  DG  B "C2'" 1 
ATOM   370 C  "C1'" . DG  B 2 9  ? 2.198   -7.389  7.584   1.00 25.18 ? 19  DG  B "C1'" 1 
ATOM   371 N  N9    . DG  B 2 9  ? 3.094   -8.115  6.694   1.00 24.15 ? 19  DG  B N9    1 
ATOM   372 C  C8    . DG  B 2 9  ? 4.456   -8.260  6.792   1.00 24.23 ? 19  DG  B C8    1 
ATOM   373 N  N7    . DG  B 2 9  ? 4.966   -8.950  5.810   1.00 24.98 ? 19  DG  B N7    1 
ATOM   374 C  C5    . DG  B 2 9  ? 3.874   -9.274  5.017   1.00 24.22 ? 19  DG  B C5    1 
ATOM   375 C  C6    . DG  B 2 9  ? 3.804   -9.979  3.791   1.00 23.48 ? 19  DG  B C6    1 
ATOM   376 O  O6    . DG  B 2 9  ? 4.737   -10.465 3.126   1.00 21.70 ? 19  DG  B O6    1 
ATOM   377 N  N1    . DG  B 2 9  ? 2.488   -10.075 3.334   1.00 23.50 ? 19  DG  B N1    1 
ATOM   378 C  C2    . DG  B 2 9  ? 1.387   -9.543  3.969   1.00 22.51 ? 19  DG  B C2    1 
ATOM   379 N  N2    . DG  B 2 9  ? 0.200   -9.720  3.378   1.00 22.71 ? 19  DG  B N2    1 
ATOM   380 N  N3    . DG  B 2 9  ? 1.447   -8.882  5.099   1.00 23.37 ? 19  DG  B N3    1 
ATOM   381 C  C4    . DG  B 2 9  ? 2.712   -8.780  5.561   1.00 24.25 ? 19  DG  B C4    1 
ATOM   382 P  P     . DG  B 2 10 ? -0.108  -6.289  11.131  1.00 28.81 ? 20  DG  B P     1 
ATOM   383 O  OP1   . DG  B 2 10 ? 0.102   -4.858  11.470  1.00 26.88 ? 20  DG  B OP1   1 
ATOM   384 O  OP2   . DG  B 2 10 ? 0.453   -7.344  12.001  1.00 26.84 ? 20  DG  B OP2   1 
ATOM   385 O  "O5'" . DG  B 2 10 ? -1.660  -6.538  10.885  1.00 26.26 ? 20  DG  B "O5'" 1 
ATOM   386 C  "C5'" . DG  B 2 10 ? -2.316  -7.647  11.468  1.00 23.58 ? 20  DG  B "C5'" 1 
ATOM   387 C  "C4'" . DG  B 2 10 ? -3.336  -8.221  10.512  1.00 20.04 ? 20  DG  B "C4'" 1 
ATOM   388 O  "O4'" . DG  B 2 10 ? -2.648  -8.680  9.323   1.00 16.44 ? 20  DG  B "O4'" 1 
ATOM   389 C  "C3'" . DG  B 2 10 ? -3.963  -9.475  11.095  1.00 18.56 ? 20  DG  B "C3'" 1 
ATOM   390 O  "O3'" . DG  B 2 10 ? -5.103  -9.863  10.324  1.00 20.49 ? 20  DG  B "O3'" 1 
ATOM   391 C  "C2'" . DG  B 2 10 ? -2.874  -10.485 10.824  1.00 18.81 ? 20  DG  B "C2'" 1 
ATOM   392 C  "C1'" . DG  B 2 10 ? -2.428  -10.084 9.417   1.00 17.73 ? 20  DG  B "C1'" 1 
ATOM   393 N  N9    . DG  B 2 10 ? -1.013  -10.348 9.143   1.00 15.16 ? 20  DG  B N9    1 
ATOM   394 C  C8    . DG  B 2 10 ? 0.048   -10.127 9.986   1.00 14.60 ? 20  DG  B C8    1 
ATOM   395 N  N7    . DG  B 2 10 ? 1.193   -10.493 9.478   1.00 14.52 ? 20  DG  B N7    1 
ATOM   396 C  C5    . DG  B 2 10 ? 0.873   -10.969 8.215   1.00 16.44 ? 20  DG  B C5    1 
ATOM   397 C  C6    . DG  B 2 10 ? 1.705   -11.502 7.192   1.00 15.71 ? 20  DG  B C6    1 
ATOM   398 O  O6    . DG  B 2 10 ? 2.929   -11.644 7.190   1.00 15.71 ? 20  DG  B O6    1 
ATOM   399 N  N1    . DG  B 2 10 ? 0.971   -11.884 6.085   1.00 15.92 ? 20  DG  B N1    1 
ATOM   400 C  C2    . DG  B 2 10 ? -0.392  -11.771 5.961   1.00 19.19 ? 20  DG  B C2    1 
ATOM   401 N  N2    . DG  B 2 10 ? -0.923  -12.225 4.816   1.00 21.06 ? 20  DG  B N2    1 
ATOM   402 N  N3    . DG  B 2 10 ? -1.184  -11.261 6.895   1.00 18.59 ? 20  DG  B N3    1 
ATOM   403 C  C4    . DG  B 2 10 ? -0.486  -10.886 7.991   1.00 17.34 ? 20  DG  B C4    1 
HETATM 404 NA NA    . NA  C 3 .  ? -4.177  6.073   1.276   0.50 1.27  ? 63  NA  A NA    1 
HETATM 405 NA NA    . NA  D 3 .  ? -2.506  6.239   -14.518 1.00 9.57  ? 28  NA  B NA    1 
HETATM 406 O  O     . HOH E 4 .  ? -1.330  -11.307 -6.176  1.00 14.70 ? 25  HOH A O     1 
HETATM 407 O  O     . HOH E 4 .  ? 3.732   0.634   -0.575  1.00 13.89 ? 27  HOH A O     1 
HETATM 408 O  O     . HOH E 4 .  ? -4.354  -8.492  -7.232  1.00 15.20 ? 29  HOH A O     1 
HETATM 409 O  O     . HOH E 4 .  ? 6.233   -14.896 -0.875  1.00 2.79  ? 32  HOH A O     1 
HETATM 410 O  O     . HOH E 4 .  ? -7.108  3.346   2.592   0.50 7.57  ? 35  HOH A O     1 
HETATM 411 O  O     . HOH E 4 .  ? -4.424  -2.918  7.108   1.00 14.73 ? 36  HOH A O     1 
HETATM 412 O  O     . HOH E 4 .  ? 7.429   16.739  18.734  1.00 10.30 ? 40  HOH A O     1 
HETATM 413 O  O     . HOH E 4 .  ? 0.934   11.609  21.633  1.00 30.76 ? 42  HOH A O     1 
HETATM 414 O  O     . HOH E 4 .  ? -8.403  -14.219 -6.370  1.00 6.09  ? 44  HOH A O     1 
HETATM 415 O  O     . HOH E 4 .  ? 1.568   2.975   5.259   1.00 22.69 ? 45  HOH A O     1 
HETATM 416 O  O     . HOH E 4 .  ? -12.957 -8.413  -1.860  1.00 22.46 ? 48  HOH A O     1 
HETATM 417 O  O     . HOH E 4 .  ? 12.242  8.535   10.349  1.00 38.23 ? 49  HOH A O     1 
HETATM 418 O  O     . HOH E 4 .  ? -6.796  -15.497 -4.188  1.00 43.58 ? 53  HOH A O     1 
HETATM 419 O  O     . HOH E 4 .  ? -11.968 -9.355  1.329   1.00 12.33 ? 54  HOH A O     1 
HETATM 420 O  O     . HOH E 4 .  ? 0.666   -3.054  4.415   0.50 6.67  ? 55  HOH A O     1 
HETATM 421 O  O     . HOH E 4 .  ? 2.604   2.510   -1.277  1.00 12.55 ? 56  HOH A O     1 
HETATM 422 O  O     . HOH E 4 .  ? -1.757  3.508   7.346   1.00 11.49 ? 58  HOH A O     1 
HETATM 423 O  O     . HOH E 4 .  ? 4.717   10.130  0.523   0.50 5.09  ? 59  HOH A O     1 
HETATM 424 O  O     . HOH E 4 .  ? 5.061   6.729   0.541   1.00 14.02 ? 61  HOH A O     1 
HETATM 425 O  O     . HOH E 4 .  ? -11.058 -3.785  2.278   1.00 16.43 ? 65  HOH A O     1 
HETATM 426 O  O     . HOH E 4 .  ? 2.806   3.335   1.928   1.00 17.80 ? 67  HOH A O     1 
HETATM 427 O  O     . HOH E 4 .  ? 7.519   17.848  14.189  1.00 36.20 ? 68  HOH A O     1 
HETATM 428 O  O     . HOH E 4 .  ? -9.239  -7.659  -4.751  1.00 22.94 ? 69  HOH A O     1 
HETATM 429 O  O     . HOH E 4 .  ? 12.238  7.156   5.952   1.00 37.93 ? 71  HOH A O     1 
HETATM 430 O  O     . HOH E 4 .  ? -5.672  4.724   6.903   1.00 35.82 ? 72  HOH A O     1 
HETATM 431 O  O     . HOH E 4 .  ? -4.970  -18.824 -2.202  1.00 35.19 ? 73  HOH A O     1 
HETATM 432 O  O     . HOH E 4 .  ? 6.582   3.452   3.308   1.00 28.35 ? 74  HOH A O     1 
HETATM 433 O  O     . HOH E 4 .  ? 6.696   6.375   6.732   1.00 30.12 ? 76  HOH A O     1 
HETATM 434 O  O     . HOH E 4 .  ? 1.870   -0.131  1.782   1.00 19.53 ? 78  HOH A O     1 
HETATM 435 O  O     . HOH E 4 .  ? 4.158   16.667  18.887  1.00 29.01 ? 79  HOH A O     1 
HETATM 436 O  O     . HOH E 4 .  ? 8.547   10.068  6.908   1.00 25.14 ? 82  HOH A O     1 
HETATM 437 O  O     . HOH E 4 .  ? -14.480 -8.789  -6.384  1.00 26.68 ? 83  HOH A O     1 
HETATM 438 O  O     . HOH E 4 .  ? -5.246  -9.364  -4.618  1.00 25.84 ? 84  HOH A O     1 
HETATM 439 O  O     . HOH E 4 .  ? -12.585 -9.449  -4.830  1.00 15.16 ? 89  HOH A O     1 
HETATM 440 O  O     . HOH E 4 .  ? -11.090 -6.789  4.101   1.00 15.04 ? 90  HOH A O     1 
HETATM 441 O  O     . HOH E 4 .  ? -14.242 -7.346  1.339   1.00 47.66 ? 94  HOH A O     1 
HETATM 442 O  O     . HOH E 4 .  ? 0.674   -8.864  -5.355  1.00 21.67 ? 96  HOH A O     1 
HETATM 443 O  O     . HOH E 4 .  ? -0.151  -5.113  3.941   0.50 4.48  ? 98  HOH A O     1 
HETATM 444 O  O     . HOH E 4 .  ? -8.835  -0.757  9.487   1.00 37.38 ? 101 HOH A O     1 
HETATM 445 O  O     . HOH E 4 .  ? 7.506   -13.495 4.798   1.00 22.79 ? 102 HOH A O     1 
HETATM 446 O  O     . HOH E 4 .  ? 10.384  10.621  18.430  1.00 35.12 ? 104 HOH A O     1 
HETATM 447 O  O     . HOH E 4 .  ? -9.331  -4.172  4.233   1.00 38.50 ? 108 HOH A O     1 
HETATM 448 O  O     . HOH E 4 .  ? 2.765   13.618  15.874  1.00 29.65 ? 117 HOH A O     1 
HETATM 449 O  O     . HOH F 4 .  ? -2.366  8.636   -14.719 1.00 1.27  ? 21  HOH B O     1 
HETATM 450 O  O     . HOH F 4 .  ? -3.511  7.706   -12.605 1.00 1.27  ? 22  HOH B O     1 
HETATM 451 O  O     . HOH F 4 .  ? -10.946 10.447  -18.793 1.00 17.38 ? 23  HOH B O     1 
HETATM 452 O  O     . HOH F 4 .  ? -8.416  -11.307 6.319   1.00 33.99 ? 24  HOH B O     1 
HETATM 453 O  O     . HOH F 4 .  ? -1.280  7.120   -16.848 1.00 5.21  ? 26  HOH B O     1 
HETATM 454 O  O     . HOH F 4 .  ? -1.922  4.997   -12.491 1.00 2.14  ? 30  HOH B O     1 
HETATM 455 O  O     . HOH F 4 .  ? -3.770  -11.244 6.287   1.00 22.04 ? 31  HOH B O     1 
HETATM 456 O  O     . HOH F 4 .  ? -5.224  -4.370  -5.774  1.00 32.82 ? 33  HOH B O     1 
HETATM 457 O  O     . HOH F 4 .  ? -2.185  -6.923  4.978   1.00 16.86 ? 34  HOH B O     1 
HETATM 458 O  O     . HOH F 4 .  ? 7.845   -10.717 2.442   1.00 10.90 ? 37  HOH B O     1 
HETATM 459 O  O     . HOH F 4 .  ? 0.166   -5.951  -7.573  1.00 29.65 ? 38  HOH B O     1 
HETATM 460 O  O     . HOH F 4 .  ? -6.990  -8.537  5.217   1.00 15.03 ? 39  HOH B O     1 
HETATM 461 O  O     . HOH F 4 .  ? -0.013  6.354   -13.697 1.00 11.08 ? 43  HOH B O     1 
HETATM 462 O  O     . HOH F 4 .  ? 8.584   -12.024 0.541   1.00 11.74 ? 46  HOH B O     1 
HETATM 463 O  O     . HOH F 4 .  ? -9.262  11.226  -16.944 1.00 17.87 ? 47  HOH B O     1 
HETATM 464 O  O     . HOH F 4 .  ? 0.163   -2.048  -17.567 1.00 10.66 ? 50  HOH B O     1 
HETATM 465 O  O     . HOH F 4 .  ? -6.392  -10.860 8.672   1.00 14.21 ? 51  HOH B O     1 
HETATM 466 O  O     . HOH F 4 .  ? 8.534   -5.710  1.386   1.00 12.46 ? 52  HOH B O     1 
HETATM 467 O  O     . HOH F 4 .  ? -9.493  1.101   -4.145  1.00 10.78 ? 57  HOH B O     1 
HETATM 468 O  O     . HOH F 4 .  ? -8.108  -1.711  -5.726  1.00 25.33 ? 60  HOH B O     1 
HETATM 469 O  O     . HOH F 4 .  ? 3.918   -10.302 15.300  1.00 16.43 ? 62  HOH B O     1 
HETATM 470 O  O     . HOH F 4 .  ? -9.807  0.851   -6.731  1.00 19.25 ? 64  HOH B O     1 
HETATM 471 O  O     . HOH F 4 .  ? -6.898  13.019  -17.836 1.00 14.54 ? 66  HOH B O     1 
HETATM 472 O  O     . HOH F 4 .  ? -10.754 1.911   -1.159  1.00 19.52 ? 70  HOH B O     1 
HETATM 473 O  O     . HOH F 4 .  ? -5.301  -8.112  6.994   1.00 22.75 ? 75  HOH B O     1 
HETATM 474 O  O     . HOH F 4 .  ? -6.537  13.070  -5.244  1.00 22.46 ? 77  HOH B O     1 
HETATM 475 O  O     . HOH F 4 .  ? 2.907   0.252   -15.872 1.00 27.84 ? 80  HOH B O     1 
HETATM 476 O  O     . HOH F 4 .  ? -6.850  -5.103  11.232  1.00 18.53 ? 81  HOH B O     1 
HETATM 477 O  O     . HOH F 4 .  ? 9.065   -7.391  -5.843  1.00 16.67 ? 85  HOH B O     1 
HETATM 478 O  O     . HOH F 4 .  ? -3.566  10.682  -13.351 1.00 14.88 ? 86  HOH B O     1 
HETATM 479 O  O     . HOH F 4 .  ? -7.494  -0.072  -8.854  1.00 27.41 ? 87  HOH B O     1 
HETATM 480 O  O     . HOH F 4 .  ? -1.294  -5.682  -9.636  1.00 20.57 ? 88  HOH B O     1 
HETATM 481 O  O     . HOH F 4 .  ? -0.020  -3.800  -11.367 1.00 21.34 ? 91  HOH B O     1 
HETATM 482 O  O     . HOH F 4 .  ? 2.112   -9.340  13.802  1.00 24.38 ? 92  HOH B O     1 
HETATM 483 O  O     . HOH F 4 .  ? -2.464  3.243   -17.995 1.00 20.86 ? 93  HOH B O     1 
HETATM 484 O  O     . HOH F 4 .  ? -9.718  3.271   -7.504  1.00 38.74 ? 95  HOH B O     1 
HETATM 485 O  O     . HOH F 4 .  ? -0.755  -8.775  13.833  1.00 18.96 ? 97  HOH B O     1 
HETATM 486 O  O     . HOH F 4 .  ? -3.304  -4.583  10.918  1.00 20.78 ? 99  HOH B O     1 
HETATM 487 O  O     . HOH F 4 .  ? 4.846   0.128   1.809   1.00 22.92 ? 100 HOH B O     1 
HETATM 488 O  O     . HOH F 4 .  ? -1.196  -5.241  6.648   1.00 30.38 ? 103 HOH B O     1 
HETATM 489 O  O     . HOH F 4 .  ? 3.704   -6.489  -9.134  0.50 27.63 ? 105 HOH B O     1 
HETATM 490 O  O     . HOH F 4 .  ? -0.707  -7.861  6.818   1.00 16.07 ? 106 HOH B O     1 
HETATM 491 O  O     . HOH F 4 .  ? -6.327  1.084   -6.849  1.00 38.22 ? 107 HOH B O     1 
HETATM 492 O  O     . HOH F 4 .  ? 11.661  -2.690  -1.894  1.00 30.28 ? 109 HOH B O     1 
HETATM 493 O  O     . HOH F 4 .  ? 4.304   2.865   -6.787  1.00 30.14 ? 110 HOH B O     1 
HETATM 494 O  O     . HOH F 4 .  ? 5.891   -0.124  6.582   1.00 33.21 ? 111 HOH B O     1 
HETATM 495 O  O     . HOH F 4 .  ? 9.572   -9.088  3.892   1.00 28.66 ? 112 HOH B O     1 
HETATM 496 O  O     . HOH F 4 .  ? -10.720 8.897   -15.257 1.00 35.84 ? 113 HOH B O     1 
HETATM 497 O  O     . HOH F 4 .  ? 2.593   -7.005  12.406  1.00 19.34 ? 114 HOH B O     1 
HETATM 498 O  O     . HOH F 4 .  ? 7.684   -9.905  5.807   1.00 15.64 ? 115 HOH B O     1 
HETATM 499 O  O     . HOH F 4 .  ? -6.381  -2.695  -7.957  1.00 33.48 ? 116 HOH B O     1 
HETATM 500 O  O     . HOH F 4 .  ? -12.769 2.153   2.003   0.50 11.73 ? 118 HOH B O     1 
HETATM 501 O  O     . HOH F 4 .  ? -4.934  -2.500  11.777  1.00 27.56 ? 119 HOH B O     1 
HETATM 502 O  O     . HOH F 4 .  ? -2.604  -10.728 3.498   1.00 15.27 ? 120 HOH B O     1 
HETATM 503 O  O     . HOH F 4 .  ? -11.095 10.467  -22.251 1.00 15.27 ? 121 HOH B O     1 
HETATM 504 O  O     . HOH F 4 .  ? 9.333   -4.411  -9.958  0.50 15.27 ? 122 HOH B O     1 
# 
loop_
_pdbx_poly_seq_scheme.asym_id 
_pdbx_poly_seq_scheme.entity_id 
_pdbx_poly_seq_scheme.seq_id 
_pdbx_poly_seq_scheme.mon_id 
_pdbx_poly_seq_scheme.ndb_seq_num 
_pdbx_poly_seq_scheme.pdb_seq_num 
_pdbx_poly_seq_scheme.auth_seq_num 
_pdbx_poly_seq_scheme.pdb_mon_id 
_pdbx_poly_seq_scheme.auth_mon_id 
_pdbx_poly_seq_scheme.pdb_strand_id 
_pdbx_poly_seq_scheme.pdb_ins_code 
_pdbx_poly_seq_scheme.hetero 
A 1 1  DC 1  1  1  DC C  A . n 
A 1 2  DC 2  2  2  DC C  A . n 
A 1 3  DG 3  3  3  DG G  A . n 
A 1 4  DA 4  4  4  DA A  A . n 
A 1 5  DT 5  5  5  DT T  A . n 
A 1 6  DA 6  6  6  DA A  A . n 
A 1 7  DC 7  7  7  DC C  A . n 
A 1 8  DC 8  8  8  DC C  A . n 
A 1 9  DG 9  9  9  DG G  A . n 
A 1 10 DG 10 10 10 DG G  A . n 
B 2 1  DC 1  11 11 DC C  B . n 
B 2 2  DC 2  12 12 DC C  B . n 
B 2 3  DG 3  13 13 DG G  B . n 
B 2 4  DG 4  14 14 DG G  B . n 
B 2 5  DT 5  15 15 DT T  B . n 
B 2 6  DA 6  16 16 DA A  B . n 
B 2 7  DU 7  17 17 DU DU B . n 
B 2 8  DC 8  18 18 DC C  B . n 
B 2 9  DG 9  19 19 DG G  B . n 
B 2 10 DG 10 20 20 DG G  B . n 
# 
loop_
_pdbx_nonpoly_scheme.asym_id 
_pdbx_nonpoly_scheme.entity_id 
_pdbx_nonpoly_scheme.mon_id 
_pdbx_nonpoly_scheme.ndb_seq_num 
_pdbx_nonpoly_scheme.pdb_seq_num 
_pdbx_nonpoly_scheme.auth_seq_num 
_pdbx_nonpoly_scheme.pdb_mon_id 
_pdbx_nonpoly_scheme.auth_mon_id 
_pdbx_nonpoly_scheme.pdb_strand_id 
_pdbx_nonpoly_scheme.pdb_ins_code 
C 3 NA  1  63  63  NA  NA  A . 
D 3 NA  1  28  28  NA  NA  B . 
E 4 HOH 1  25  25  HOH HOH A . 
E 4 HOH 2  27  27  HOH HOH A . 
E 4 HOH 3  29  29  HOH HOH A . 
E 4 HOH 4  32  32  HOH HOH A . 
E 4 HOH 5  35  35  HOH HOH A . 
E 4 HOH 6  36  36  HOH HOH A . 
E 4 HOH 7  40  40  HOH HOH A . 
E 4 HOH 8  42  42  HOH HOH A . 
E 4 HOH 9  44  44  HOH HOH A . 
E 4 HOH 10 45  45  HOH HOH A . 
E 4 HOH 11 48  48  HOH HOH A . 
E 4 HOH 12 49  49  HOH HOH A . 
E 4 HOH 13 53  53  HOH HOH A . 
E 4 HOH 14 54  54  HOH HOH A . 
E 4 HOH 15 55  55  HOH HOH A . 
E 4 HOH 16 56  56  HOH HOH A . 
E 4 HOH 17 58  58  HOH HOH A . 
E 4 HOH 18 59  59  HOH HOH A . 
E 4 HOH 19 61  61  HOH HOH A . 
E 4 HOH 20 65  65  HOH HOH A . 
E 4 HOH 21 67  67  HOH HOH A . 
E 4 HOH 22 68  68  HOH HOH A . 
E 4 HOH 23 69  69  HOH HOH A . 
E 4 HOH 24 71  71  HOH HOH A . 
E 4 HOH 25 72  72  HOH HOH A . 
E 4 HOH 26 73  73  HOH HOH A . 
E 4 HOH 27 74  74  HOH HOH A . 
E 4 HOH 28 76  76  HOH HOH A . 
E 4 HOH 29 78  78  HOH HOH A . 
E 4 HOH 30 79  79  HOH HOH A . 
E 4 HOH 31 82  82  HOH HOH A . 
E 4 HOH 32 83  83  HOH HOH A . 
E 4 HOH 33 84  84  HOH HOH A . 
E 4 HOH 34 89  89  HOH HOH A . 
E 4 HOH 35 90  90  HOH HOH A . 
E 4 HOH 36 94  94  HOH HOH A . 
E 4 HOH 37 96  96  HOH HOH A . 
E 4 HOH 38 98  98  HOH HOH A . 
E 4 HOH 39 101 101 HOH HOH A . 
E 4 HOH 40 102 102 HOH HOH A . 
E 4 HOH 41 104 104 HOH HOH A . 
E 4 HOH 42 108 108 HOH HOH A . 
E 4 HOH 43 117 117 HOH HOH A . 
F 4 HOH 1  21  21  HOH HOH B . 
F 4 HOH 2  22  22  HOH HOH B . 
F 4 HOH 3  23  23  HOH HOH B . 
F 4 HOH 4  24  24  HOH HOH B . 
F 4 HOH 5  26  26  HOH HOH B . 
F 4 HOH 6  30  30  HOH HOH B . 
F 4 HOH 7  31  31  HOH HOH B . 
F 4 HOH 8  33  33  HOH HOH B . 
F 4 HOH 9  34  34  HOH HOH B . 
F 4 HOH 10 37  37  HOH HOH B . 
F 4 HOH 11 38  38  HOH HOH B . 
F 4 HOH 12 39  39  HOH HOH B . 
F 4 HOH 13 43  43  HOH HOH B . 
F 4 HOH 14 46  46  HOH HOH B . 
F 4 HOH 15 47  47  HOH HOH B . 
F 4 HOH 16 50  50  HOH HOH B . 
F 4 HOH 17 51  51  HOH HOH B . 
F 4 HOH 18 52  52  HOH HOH B . 
F 4 HOH 19 57  57  HOH HOH B . 
F 4 HOH 20 60  60  HOH HOH B . 
F 4 HOH 21 62  62  HOH HOH B . 
F 4 HOH 22 64  64  HOH HOH B . 
F 4 HOH 23 66  66  HOH HOH B . 
F 4 HOH 24 70  70  HOH HOH B . 
F 4 HOH 25 75  75  HOH HOH B . 
F 4 HOH 26 77  77  HOH HOH B . 
F 4 HOH 27 80  80  HOH HOH B . 
F 4 HOH 28 81  81  HOH HOH B . 
F 4 HOH 29 85  85  HOH HOH B . 
F 4 HOH 30 86  86  HOH HOH B . 
F 4 HOH 31 87  87  HOH HOH B . 
F 4 HOH 32 88  88  HOH HOH B . 
F 4 HOH 33 91  91  HOH HOH B . 
F 4 HOH 34 92  92  HOH HOH B . 
F 4 HOH 35 93  93  HOH HOH B . 
F 4 HOH 36 95  95  HOH HOH B . 
F 4 HOH 37 97  97  HOH HOH B . 
F 4 HOH 38 99  99  HOH HOH B . 
F 4 HOH 39 100 100 HOH HOH B . 
F 4 HOH 40 103 103 HOH HOH B . 
F 4 HOH 41 105 105 HOH HOH B . 
F 4 HOH 42 106 106 HOH HOH B . 
F 4 HOH 43 107 107 HOH HOH B . 
F 4 HOH 44 109 109 HOH HOH B . 
F 4 HOH 45 110 110 HOH HOH B . 
F 4 HOH 46 111 111 HOH HOH B . 
F 4 HOH 47 112 112 HOH HOH B . 
F 4 HOH 48 113 113 HOH HOH B . 
F 4 HOH 49 114 114 HOH HOH B . 
F 4 HOH 50 115 115 HOH HOH B . 
F 4 HOH 51 116 116 HOH HOH B . 
F 4 HOH 52 118 118 HOH HOH B . 
F 4 HOH 53 119 119 HOH HOH B . 
F 4 HOH 54 120 120 HOH HOH B . 
F 4 HOH 55 121 121 HOH HOH B . 
F 4 HOH 56 122 122 HOH HOH B . 
# 
_pdbx_struct_assembly.id                   1 
_pdbx_struct_assembly.details              author_defined_assembly 
_pdbx_struct_assembly.method_details       ? 
_pdbx_struct_assembly.oligomeric_details   tetrameric 
_pdbx_struct_assembly.oligomeric_count     4 
# 
_pdbx_struct_assembly_gen.assembly_id       1 
_pdbx_struct_assembly_gen.oper_expression   1,2 
_pdbx_struct_assembly_gen.asym_id_list      A,B,C,D,E,F 
# 
loop_
_pdbx_struct_oper_list.id 
_pdbx_struct_oper_list.type 
_pdbx_struct_oper_list.name 
_pdbx_struct_oper_list.symmetry_operation 
_pdbx_struct_oper_list.matrix[1][1] 
_pdbx_struct_oper_list.matrix[1][2] 
_pdbx_struct_oper_list.matrix[1][3] 
_pdbx_struct_oper_list.vector[1] 
_pdbx_struct_oper_list.matrix[2][1] 
_pdbx_struct_oper_list.matrix[2][2] 
_pdbx_struct_oper_list.matrix[2][3] 
_pdbx_struct_oper_list.vector[2] 
_pdbx_struct_oper_list.matrix[3][1] 
_pdbx_struct_oper_list.matrix[3][2] 
_pdbx_struct_oper_list.matrix[3][3] 
_pdbx_struct_oper_list.vector[3] 
1 'identity operation'         1_555 x,y,z     1.0000000000 0.0000000000 0.0000000000  0.0000000000  0.0000000000 1.0000000000  0.0000000000  0.0000000000  0.0000000000  0.0000000000  1.0000000000  0.0000000000 
2 'crystal symmetry operation' 2_755 -x+2,y,-z 0.6457174465 0.7507671332 -0.1392755940 -5.8615433384 0.7507671332 -0.6575042153 -0.0635367503 13.2828957401 -0.1392755940 -0.0635367503 -0.9882132312 2.3400899655 
# 
loop_
_pdbx_struct_special_symmetry.id 
_pdbx_struct_special_symmetry.PDB_model_num 
_pdbx_struct_special_symmetry.auth_asym_id 
_pdbx_struct_special_symmetry.auth_comp_id 
_pdbx_struct_special_symmetry.auth_seq_id 
_pdbx_struct_special_symmetry.PDB_ins_code 
_pdbx_struct_special_symmetry.label_asym_id 
_pdbx_struct_special_symmetry.label_comp_id 
_pdbx_struct_special_symmetry.label_seq_id 
1 1 A NA  63  ? C NA  . 
2 1 A HOH 59  ? E HOH . 
3 1 B HOH 118 ? F HOH . 
4 1 B HOH 122 ? F HOH . 
# 
loop_
_pdbx_struct_conn_angle.id 
_pdbx_struct_conn_angle.ptnr1_label_atom_id 
_pdbx_struct_conn_angle.ptnr1_label_alt_id 
_pdbx_struct_conn_angle.ptnr1_label_asym_id 
_pdbx_struct_conn_angle.ptnr1_label_comp_id 
_pdbx_struct_conn_angle.ptnr1_label_seq_id 
_pdbx_struct_conn_angle.ptnr1_auth_atom_id 
_pdbx_struct_conn_angle.ptnr1_auth_asym_id 
_pdbx_struct_conn_angle.ptnr1_auth_comp_id 
_pdbx_struct_conn_angle.ptnr1_auth_seq_id 
_pdbx_struct_conn_angle.ptnr1_PDB_ins_code 
_pdbx_struct_conn_angle.ptnr1_symmetry 
_pdbx_struct_conn_angle.ptnr2_label_atom_id 
_pdbx_struct_conn_angle.ptnr2_label_alt_id 
_pdbx_struct_conn_angle.ptnr2_label_asym_id 
_pdbx_struct_conn_angle.ptnr2_label_comp_id 
_pdbx_struct_conn_angle.ptnr2_label_seq_id 
_pdbx_struct_conn_angle.ptnr2_auth_atom_id 
_pdbx_struct_conn_angle.ptnr2_auth_asym_id 
_pdbx_struct_conn_angle.ptnr2_auth_comp_id 
_pdbx_struct_conn_angle.ptnr2_auth_seq_id 
_pdbx_struct_conn_angle.ptnr2_PDB_ins_code 
_pdbx_struct_conn_angle.ptnr2_symmetry 
_pdbx_struct_conn_angle.ptnr3_label_atom_id 
_pdbx_struct_conn_angle.ptnr3_label_alt_id 
_pdbx_struct_conn_angle.ptnr3_label_asym_id 
_pdbx_struct_conn_angle.ptnr3_label_comp_id 
_pdbx_struct_conn_angle.ptnr3_label_seq_id 
_pdbx_struct_conn_angle.ptnr3_auth_atom_id 
_pdbx_struct_conn_angle.ptnr3_auth_asym_id 
_pdbx_struct_conn_angle.ptnr3_auth_comp_id 
_pdbx_struct_conn_angle.ptnr3_auth_seq_id 
_pdbx_struct_conn_angle.ptnr3_PDB_ins_code 
_pdbx_struct_conn_angle.ptnr3_symmetry 
_pdbx_struct_conn_angle.value 
_pdbx_struct_conn_angle.value_esd 
1  O ? F HOH . ? B HOH 21 ? 1_555 NA ? D NA . ? B NA 28 ? 1_555 O ? F HOH . ? B HOH 22 ? 1_555 61.6  ? 
2  O ? F HOH . ? B HOH 21 ? 1_555 NA ? D NA . ? B NA 28 ? 1_555 O ? F HOH . ? B HOH 26 ? 1_555 65.7  ? 
3  O ? F HOH . ? B HOH 22 ? 1_555 NA ? D NA . ? B NA 28 ? 1_555 O ? F HOH . ? B HOH 26 ? 1_555 127.3 ? 
4  O ? F HOH . ? B HOH 21 ? 1_555 NA ? D NA . ? B NA 28 ? 1_555 O ? F HOH . ? B HOH 30 ? 1_555 124.0 ? 
5  O ? F HOH . ? B HOH 22 ? 1_555 NA ? D NA . ? B NA 28 ? 1_555 O ? F HOH . ? B HOH 30 ? 1_555 76.7  ? 
6  O ? F HOH . ? B HOH 26 ? 1_555 NA ? D NA . ? B NA 28 ? 1_555 O ? F HOH . ? B HOH 30 ? 1_555 138.6 ? 
7  O ? F HOH . ? B HOH 21 ? 1_555 NA ? D NA . ? B NA 28 ? 1_555 O ? F HOH . ? B HOH 43 ? 1_555 85.8  ? 
8  O ? F HOH . ? B HOH 22 ? 1_555 NA ? D NA . ? B NA 28 ? 1_555 O ? F HOH . ? B HOH 43 ? 1_555 96.4  ? 
9  O ? F HOH . ? B HOH 26 ? 1_555 NA ? D NA . ? B NA 28 ? 1_555 O ? F HOH . ? B HOH 43 ? 1_555 80.2  ? 
10 O ? F HOH . ? B HOH 30 ? 1_555 NA ? D NA . ? B NA 28 ? 1_555 O ? F HOH . ? B HOH 43 ? 1_555 62.4  ? 
# 
loop_
_pdbx_audit_revision_history.ordinal 
_pdbx_audit_revision_history.data_content_type 
_pdbx_audit_revision_history.major_revision 
_pdbx_audit_revision_history.minor_revision 
_pdbx_audit_revision_history.revision_date 
1 'Structure model' 1 0 2007-03-27 
2 'Structure model' 1 1 2008-05-01 
3 'Structure model' 1 2 2011-07-13 
4 'Structure model' 1 3 2017-10-18 
5 'Structure model' 1 4 2023-08-30 
# 
_pdbx_audit_revision_details.ordinal             1 
_pdbx_audit_revision_details.revision_ordinal    1 
_pdbx_audit_revision_details.data_content_type   'Structure model' 
_pdbx_audit_revision_details.provider            repository 
_pdbx_audit_revision_details.type                'Initial release' 
_pdbx_audit_revision_details.description         ? 
_pdbx_audit_revision_details.details             ? 
# 
loop_
_pdbx_audit_revision_group.ordinal 
_pdbx_audit_revision_group.revision_ordinal 
_pdbx_audit_revision_group.data_content_type 
_pdbx_audit_revision_group.group 
1 2 'Structure model' 'Version format compliance' 
2 3 'Structure model' 'Version format compliance' 
3 4 'Structure model' 'Refinement description'    
4 5 'Structure model' 'Data collection'           
5 5 'Structure model' 'Database references'       
6 5 'Structure model' 'Derived calculations'      
7 5 'Structure model' 'Refinement description'    
# 
loop_
_pdbx_audit_revision_category.ordinal 
_pdbx_audit_revision_category.revision_ordinal 
_pdbx_audit_revision_category.data_content_type 
_pdbx_audit_revision_category.category 
1 4 'Structure model' software                      
2 5 'Structure model' chem_comp_atom                
3 5 'Structure model' chem_comp_bond                
4 5 'Structure model' database_2                    
5 5 'Structure model' pdbx_initial_refinement_model 
6 5 'Structure model' pdbx_struct_conn_angle        
7 5 'Structure model' struct_conn                   
8 5 'Structure model' struct_site                   
# 
loop_
_pdbx_audit_revision_item.ordinal 
_pdbx_audit_revision_item.revision_ordinal 
_pdbx_audit_revision_item.data_content_type 
_pdbx_audit_revision_item.item 
1  5 'Structure model' '_database_2.pdbx_DOI'                      
2  5 'Structure model' '_database_2.pdbx_database_accession'       
3  5 'Structure model' '_pdbx_struct_conn_angle.ptnr1_auth_seq_id' 
4  5 'Structure model' '_pdbx_struct_conn_angle.ptnr3_auth_seq_id' 
5  5 'Structure model' '_pdbx_struct_conn_angle.value'             
6  5 'Structure model' '_struct_conn.pdbx_dist_value'              
7  5 'Structure model' '_struct_conn.ptnr1_auth_comp_id'           
8  5 'Structure model' '_struct_conn.ptnr1_auth_seq_id'            
9  5 'Structure model' '_struct_conn.ptnr1_label_asym_id'          
10 5 'Structure model' '_struct_conn.ptnr1_label_atom_id'          
11 5 'Structure model' '_struct_conn.ptnr1_label_comp_id'          
12 5 'Structure model' '_struct_conn.ptnr2_auth_comp_id'           
13 5 'Structure model' '_struct_conn.ptnr2_auth_seq_id'            
14 5 'Structure model' '_struct_conn.ptnr2_label_asym_id'          
15 5 'Structure model' '_struct_conn.ptnr2_label_atom_id'          
16 5 'Structure model' '_struct_conn.ptnr2_label_comp_id'          
17 5 'Structure model' '_struct_site.pdbx_auth_asym_id'            
18 5 'Structure model' '_struct_site.pdbx_auth_comp_id'            
19 5 'Structure model' '_struct_site.pdbx_auth_seq_id'             
# 
loop_
_software.name 
_software.classification 
_software.version 
_software.citation_id 
_software.pdbx_ordinal 
CNS      refinement       1.1 ? 1 
HKL-2000 'data reduction' .   ? 2 
HKL-2000 'data scaling'   .   ? 3 
EPMR     phasing          .   ? 4 
# 
_pdbx_validate_close_contact.id               1 
_pdbx_validate_close_contact.PDB_model_num    1 
_pdbx_validate_close_contact.auth_atom_id_1   OP1 
_pdbx_validate_close_contact.auth_asym_id_1   A 
_pdbx_validate_close_contact.auth_comp_id_1   DC 
_pdbx_validate_close_contact.auth_seq_id_1    7 
_pdbx_validate_close_contact.PDB_ins_code_1   ? 
_pdbx_validate_close_contact.label_alt_id_1   ? 
_pdbx_validate_close_contact.auth_atom_id_2   O 
_pdbx_validate_close_contact.auth_asym_id_2   A 
_pdbx_validate_close_contact.auth_comp_id_2   HOH 
_pdbx_validate_close_contact.auth_seq_id_2    61 
_pdbx_validate_close_contact.PDB_ins_code_2   ? 
_pdbx_validate_close_contact.label_alt_id_2   ? 
_pdbx_validate_close_contact.dist             2.18 
# 
_pdbx_validate_planes.id              1 
_pdbx_validate_planes.PDB_model_num   1 
_pdbx_validate_planes.auth_comp_id    DG 
_pdbx_validate_planes.auth_asym_id    A 
_pdbx_validate_planes.auth_seq_id     9 
_pdbx_validate_planes.PDB_ins_code    ? 
_pdbx_validate_planes.label_alt_id    ? 
_pdbx_validate_planes.rmsd            0.057 
_pdbx_validate_planes.type            'SIDE CHAIN' 
# 
loop_
_chem_comp_atom.comp_id 
_chem_comp_atom.atom_id 
_chem_comp_atom.type_symbol 
_chem_comp_atom.pdbx_aromatic_flag 
_chem_comp_atom.pdbx_stereo_config 
_chem_comp_atom.pdbx_ordinal 
DA  OP3    O  N N 1   
DA  P      P  N N 2   
DA  OP1    O  N N 3   
DA  OP2    O  N N 4   
DA  "O5'"  O  N N 5   
DA  "C5'"  C  N N 6   
DA  "C4'"  C  N R 7   
DA  "O4'"  O  N N 8   
DA  "C3'"  C  N S 9   
DA  "O3'"  O  N N 10  
DA  "C2'"  C  N N 11  
DA  "C1'"  C  N R 12  
DA  N9     N  Y N 13  
DA  C8     C  Y N 14  
DA  N7     N  Y N 15  
DA  C5     C  Y N 16  
DA  C6     C  Y N 17  
DA  N6     N  N N 18  
DA  N1     N  Y N 19  
DA  C2     C  Y N 20  
DA  N3     N  Y N 21  
DA  C4     C  Y N 22  
DA  HOP3   H  N N 23  
DA  HOP2   H  N N 24  
DA  "H5'"  H  N N 25  
DA  "H5''" H  N N 26  
DA  "H4'"  H  N N 27  
DA  "H3'"  H  N N 28  
DA  "HO3'" H  N N 29  
DA  "H2'"  H  N N 30  
DA  "H2''" H  N N 31  
DA  "H1'"  H  N N 32  
DA  H8     H  N N 33  
DA  H61    H  N N 34  
DA  H62    H  N N 35  
DA  H2     H  N N 36  
DC  OP3    O  N N 37  
DC  P      P  N N 38  
DC  OP1    O  N N 39  
DC  OP2    O  N N 40  
DC  "O5'"  O  N N 41  
DC  "C5'"  C  N N 42  
DC  "C4'"  C  N R 43  
DC  "O4'"  O  N N 44  
DC  "C3'"  C  N S 45  
DC  "O3'"  O  N N 46  
DC  "C2'"  C  N N 47  
DC  "C1'"  C  N R 48  
DC  N1     N  N N 49  
DC  C2     C  N N 50  
DC  O2     O  N N 51  
DC  N3     N  N N 52  
DC  C4     C  N N 53  
DC  N4     N  N N 54  
DC  C5     C  N N 55  
DC  C6     C  N N 56  
DC  HOP3   H  N N 57  
DC  HOP2   H  N N 58  
DC  "H5'"  H  N N 59  
DC  "H5''" H  N N 60  
DC  "H4'"  H  N N 61  
DC  "H3'"  H  N N 62  
DC  "HO3'" H  N N 63  
DC  "H2'"  H  N N 64  
DC  "H2''" H  N N 65  
DC  "H1'"  H  N N 66  
DC  H41    H  N N 67  
DC  H42    H  N N 68  
DC  H5     H  N N 69  
DC  H6     H  N N 70  
DG  OP3    O  N N 71  
DG  P      P  N N 72  
DG  OP1    O  N N 73  
DG  OP2    O  N N 74  
DG  "O5'"  O  N N 75  
DG  "C5'"  C  N N 76  
DG  "C4'"  C  N R 77  
DG  "O4'"  O  N N 78  
DG  "C3'"  C  N S 79  
DG  "O3'"  O  N N 80  
DG  "C2'"  C  N N 81  
DG  "C1'"  C  N R 82  
DG  N9     N  Y N 83  
DG  C8     C  Y N 84  
DG  N7     N  Y N 85  
DG  C5     C  Y N 86  
DG  C6     C  N N 87  
DG  O6     O  N N 88  
DG  N1     N  N N 89  
DG  C2     C  N N 90  
DG  N2     N  N N 91  
DG  N3     N  N N 92  
DG  C4     C  Y N 93  
DG  HOP3   H  N N 94  
DG  HOP2   H  N N 95  
DG  "H5'"  H  N N 96  
DG  "H5''" H  N N 97  
DG  "H4'"  H  N N 98  
DG  "H3'"  H  N N 99  
DG  "HO3'" H  N N 100 
DG  "H2'"  H  N N 101 
DG  "H2''" H  N N 102 
DG  "H1'"  H  N N 103 
DG  H8     H  N N 104 
DG  H1     H  N N 105 
DG  H21    H  N N 106 
DG  H22    H  N N 107 
DT  OP3    O  N N 108 
DT  P      P  N N 109 
DT  OP1    O  N N 110 
DT  OP2    O  N N 111 
DT  "O5'"  O  N N 112 
DT  "C5'"  C  N N 113 
DT  "C4'"  C  N R 114 
DT  "O4'"  O  N N 115 
DT  "C3'"  C  N S 116 
DT  "O3'"  O  N N 117 
DT  "C2'"  C  N N 118 
DT  "C1'"  C  N R 119 
DT  N1     N  N N 120 
DT  C2     C  N N 121 
DT  O2     O  N N 122 
DT  N3     N  N N 123 
DT  C4     C  N N 124 
DT  O4     O  N N 125 
DT  C5     C  N N 126 
DT  C7     C  N N 127 
DT  C6     C  N N 128 
DT  HOP3   H  N N 129 
DT  HOP2   H  N N 130 
DT  "H5'"  H  N N 131 
DT  "H5''" H  N N 132 
DT  "H4'"  H  N N 133 
DT  "H3'"  H  N N 134 
DT  "HO3'" H  N N 135 
DT  "H2'"  H  N N 136 
DT  "H2''" H  N N 137 
DT  "H1'"  H  N N 138 
DT  H3     H  N N 139 
DT  H71    H  N N 140 
DT  H72    H  N N 141 
DT  H73    H  N N 142 
DT  H6     H  N N 143 
DU  OP3    O  N N 144 
DU  P      P  N N 145 
DU  OP1    O  N N 146 
DU  OP2    O  N N 147 
DU  "O5'"  O  N N 148 
DU  "C5'"  C  N N 149 
DU  "C4'"  C  N R 150 
DU  "O4'"  O  N N 151 
DU  "C3'"  C  N S 152 
DU  "O3'"  O  N N 153 
DU  "C2'"  C  N N 154 
DU  "C1'"  C  N R 155 
DU  N1     N  N N 156 
DU  C2     C  N N 157 
DU  O2     O  N N 158 
DU  N3     N  N N 159 
DU  C4     C  N N 160 
DU  O4     O  N N 161 
DU  C5     C  N N 162 
DU  C6     C  N N 163 
DU  HOP3   H  N N 164 
DU  HOP2   H  N N 165 
DU  "H5'"  H  N N 166 
DU  "H5''" H  N N 167 
DU  "H4'"  H  N N 168 
DU  "H3'"  H  N N 169 
DU  "HO3'" H  N N 170 
DU  "H2'"  H  N N 171 
DU  "H2''" H  N N 172 
DU  "H1'"  H  N N 173 
DU  H3     H  N N 174 
DU  H5     H  N N 175 
DU  H6     H  N N 176 
HOH O      O  N N 177 
HOH H1     H  N N 178 
HOH H2     H  N N 179 
NA  NA     NA N N 180 
# 
loop_
_chem_comp_bond.comp_id 
_chem_comp_bond.atom_id_1 
_chem_comp_bond.atom_id_2 
_chem_comp_bond.value_order 
_chem_comp_bond.pdbx_aromatic_flag 
_chem_comp_bond.pdbx_stereo_config 
_chem_comp_bond.pdbx_ordinal 
DA  OP3   P      sing N N 1   
DA  OP3   HOP3   sing N N 2   
DA  P     OP1    doub N N 3   
DA  P     OP2    sing N N 4   
DA  P     "O5'"  sing N N 5   
DA  OP2   HOP2   sing N N 6   
DA  "O5'" "C5'"  sing N N 7   
DA  "C5'" "C4'"  sing N N 8   
DA  "C5'" "H5'"  sing N N 9   
DA  "C5'" "H5''" sing N N 10  
DA  "C4'" "O4'"  sing N N 11  
DA  "C4'" "C3'"  sing N N 12  
DA  "C4'" "H4'"  sing N N 13  
DA  "O4'" "C1'"  sing N N 14  
DA  "C3'" "O3'"  sing N N 15  
DA  "C3'" "C2'"  sing N N 16  
DA  "C3'" "H3'"  sing N N 17  
DA  "O3'" "HO3'" sing N N 18  
DA  "C2'" "C1'"  sing N N 19  
DA  "C2'" "H2'"  sing N N 20  
DA  "C2'" "H2''" sing N N 21  
DA  "C1'" N9     sing N N 22  
DA  "C1'" "H1'"  sing N N 23  
DA  N9    C8     sing Y N 24  
DA  N9    C4     sing Y N 25  
DA  C8    N7     doub Y N 26  
DA  C8    H8     sing N N 27  
DA  N7    C5     sing Y N 28  
DA  C5    C6     sing Y N 29  
DA  C5    C4     doub Y N 30  
DA  C6    N6     sing N N 31  
DA  C6    N1     doub Y N 32  
DA  N6    H61    sing N N 33  
DA  N6    H62    sing N N 34  
DA  N1    C2     sing Y N 35  
DA  C2    N3     doub Y N 36  
DA  C2    H2     sing N N 37  
DA  N3    C4     sing Y N 38  
DC  OP3   P      sing N N 39  
DC  OP3   HOP3   sing N N 40  
DC  P     OP1    doub N N 41  
DC  P     OP2    sing N N 42  
DC  P     "O5'"  sing N N 43  
DC  OP2   HOP2   sing N N 44  
DC  "O5'" "C5'"  sing N N 45  
DC  "C5'" "C4'"  sing N N 46  
DC  "C5'" "H5'"  sing N N 47  
DC  "C5'" "H5''" sing N N 48  
DC  "C4'" "O4'"  sing N N 49  
DC  "C4'" "C3'"  sing N N 50  
DC  "C4'" "H4'"  sing N N 51  
DC  "O4'" "C1'"  sing N N 52  
DC  "C3'" "O3'"  sing N N 53  
DC  "C3'" "C2'"  sing N N 54  
DC  "C3'" "H3'"  sing N N 55  
DC  "O3'" "HO3'" sing N N 56  
DC  "C2'" "C1'"  sing N N 57  
DC  "C2'" "H2'"  sing N N 58  
DC  "C2'" "H2''" sing N N 59  
DC  "C1'" N1     sing N N 60  
DC  "C1'" "H1'"  sing N N 61  
DC  N1    C2     sing N N 62  
DC  N1    C6     sing N N 63  
DC  C2    O2     doub N N 64  
DC  C2    N3     sing N N 65  
DC  N3    C4     doub N N 66  
DC  C4    N4     sing N N 67  
DC  C4    C5     sing N N 68  
DC  N4    H41    sing N N 69  
DC  N4    H42    sing N N 70  
DC  C5    C6     doub N N 71  
DC  C5    H5     sing N N 72  
DC  C6    H6     sing N N 73  
DG  OP3   P      sing N N 74  
DG  OP3   HOP3   sing N N 75  
DG  P     OP1    doub N N 76  
DG  P     OP2    sing N N 77  
DG  P     "O5'"  sing N N 78  
DG  OP2   HOP2   sing N N 79  
DG  "O5'" "C5'"  sing N N 80  
DG  "C5'" "C4'"  sing N N 81  
DG  "C5'" "H5'"  sing N N 82  
DG  "C5'" "H5''" sing N N 83  
DG  "C4'" "O4'"  sing N N 84  
DG  "C4'" "C3'"  sing N N 85  
DG  "C4'" "H4'"  sing N N 86  
DG  "O4'" "C1'"  sing N N 87  
DG  "C3'" "O3'"  sing N N 88  
DG  "C3'" "C2'"  sing N N 89  
DG  "C3'" "H3'"  sing N N 90  
DG  "O3'" "HO3'" sing N N 91  
DG  "C2'" "C1'"  sing N N 92  
DG  "C2'" "H2'"  sing N N 93  
DG  "C2'" "H2''" sing N N 94  
DG  "C1'" N9     sing N N 95  
DG  "C1'" "H1'"  sing N N 96  
DG  N9    C8     sing Y N 97  
DG  N9    C4     sing Y N 98  
DG  C8    N7     doub Y N 99  
DG  C8    H8     sing N N 100 
DG  N7    C5     sing Y N 101 
DG  C5    C6     sing N N 102 
DG  C5    C4     doub Y N 103 
DG  C6    O6     doub N N 104 
DG  C6    N1     sing N N 105 
DG  N1    C2     sing N N 106 
DG  N1    H1     sing N N 107 
DG  C2    N2     sing N N 108 
DG  C2    N3     doub N N 109 
DG  N2    H21    sing N N 110 
DG  N2    H22    sing N N 111 
DG  N3    C4     sing N N 112 
DT  OP3   P      sing N N 113 
DT  OP3   HOP3   sing N N 114 
DT  P     OP1    doub N N 115 
DT  P     OP2    sing N N 116 
DT  P     "O5'"  sing N N 117 
DT  OP2   HOP2   sing N N 118 
DT  "O5'" "C5'"  sing N N 119 
DT  "C5'" "C4'"  sing N N 120 
DT  "C5'" "H5'"  sing N N 121 
DT  "C5'" "H5''" sing N N 122 
DT  "C4'" "O4'"  sing N N 123 
DT  "C4'" "C3'"  sing N N 124 
DT  "C4'" "H4'"  sing N N 125 
DT  "O4'" "C1'"  sing N N 126 
DT  "C3'" "O3'"  sing N N 127 
DT  "C3'" "C2'"  sing N N 128 
DT  "C3'" "H3'"  sing N N 129 
DT  "O3'" "HO3'" sing N N 130 
DT  "C2'" "C1'"  sing N N 131 
DT  "C2'" "H2'"  sing N N 132 
DT  "C2'" "H2''" sing N N 133 
DT  "C1'" N1     sing N N 134 
DT  "C1'" "H1'"  sing N N 135 
DT  N1    C2     sing N N 136 
DT  N1    C6     sing N N 137 
DT  C2    O2     doub N N 138 
DT  C2    N3     sing N N 139 
DT  N3    C4     sing N N 140 
DT  N3    H3     sing N N 141 
DT  C4    O4     doub N N 142 
DT  C4    C5     sing N N 143 
DT  C5    C7     sing N N 144 
DT  C5    C6     doub N N 145 
DT  C7    H71    sing N N 146 
DT  C7    H72    sing N N 147 
DT  C7    H73    sing N N 148 
DT  C6    H6     sing N N 149 
DU  OP3   P      sing N N 150 
DU  OP3   HOP3   sing N N 151 
DU  P     OP1    doub N N 152 
DU  P     OP2    sing N N 153 
DU  P     "O5'"  sing N N 154 
DU  OP2   HOP2   sing N N 155 
DU  "O5'" "C5'"  sing N N 156 
DU  "C5'" "C4'"  sing N N 157 
DU  "C5'" "H5'"  sing N N 158 
DU  "C5'" "H5''" sing N N 159 
DU  "C4'" "O4'"  sing N N 160 
DU  "C4'" "C3'"  sing N N 161 
DU  "C4'" "H4'"  sing N N 162 
DU  "O4'" "C1'"  sing N N 163 
DU  "C3'" "O3'"  sing N N 164 
DU  "C3'" "C2'"  sing N N 165 
DU  "C3'" "H3'"  sing N N 166 
DU  "O3'" "HO3'" sing N N 167 
DU  "C2'" "C1'"  sing N N 168 
DU  "C2'" "H2'"  sing N N 169 
DU  "C2'" "H2''" sing N N 170 
DU  "C1'" N1     sing N N 171 
DU  "C1'" "H1'"  sing N N 172 
DU  N1    C2     sing N N 173 
DU  N1    C6     sing N N 174 
DU  C2    O2     doub N N 175 
DU  C2    N3     sing N N 176 
DU  N3    C4     sing N N 177 
DU  N3    H3     sing N N 178 
DU  C4    O4     doub N N 179 
DU  C4    C5     sing N N 180 
DU  C5    C6     doub N N 181 
DU  C5    H5     sing N N 182 
DU  C6    H6     sing N N 183 
HOH O     H1     sing N N 184 
HOH O     H2     sing N N 185 
# 
loop_
_ndb_struct_conf_na.entry_id 
_ndb_struct_conf_na.feature 
2ORH 'double helix'        
2ORH 'b-form double helix' 
# 
loop_
_ndb_struct_na_base_pair.model_number 
_ndb_struct_na_base_pair.i_label_asym_id 
_ndb_struct_na_base_pair.i_label_comp_id 
_ndb_struct_na_base_pair.i_label_seq_id 
_ndb_struct_na_base_pair.i_symmetry 
_ndb_struct_na_base_pair.j_label_asym_id 
_ndb_struct_na_base_pair.j_label_comp_id 
_ndb_struct_na_base_pair.j_label_seq_id 
_ndb_struct_na_base_pair.j_symmetry 
_ndb_struct_na_base_pair.shear 
_ndb_struct_na_base_pair.stretch 
_ndb_struct_na_base_pair.stagger 
_ndb_struct_na_base_pair.buckle 
_ndb_struct_na_base_pair.propeller 
_ndb_struct_na_base_pair.opening 
_ndb_struct_na_base_pair.pair_number 
_ndb_struct_na_base_pair.pair_name 
_ndb_struct_na_base_pair.i_auth_asym_id 
_ndb_struct_na_base_pair.i_auth_seq_id 
_ndb_struct_na_base_pair.i_PDB_ins_code 
_ndb_struct_na_base_pair.j_auth_asym_id 
_ndb_struct_na_base_pair.j_auth_seq_id 
_ndb_struct_na_base_pair.j_PDB_ins_code 
_ndb_struct_na_base_pair.hbond_type_28 
_ndb_struct_na_base_pair.hbond_type_12 
1 A DC 1 1_555 B DG 10 1_555 0.831  0.085  0.191  -11.085 -18.386 3.834 1 A_DC1:DG20_B A 1 ? B 20 ? 19 1 
1 A DC 2 1_555 B DG 9  1_555 0.497  0.098  0.764  -0.015  -5.742  8.064 2 A_DC2:DG19_B A 2 ? B 19 ? 19 1 
1 A DG 3 1_555 B DC 8  1_555 -0.510 -0.293 0.038  13.754  -8.140  2.836 3 A_DG3:DC18_B A 3 ? B 18 ? 19 1 
1 A DA 4 1_555 B DU 7  1_555 0.040  0.096  0.532  -5.189  -22.859 0.301 4 A_DA4:DU17_B A 4 ? B 17 ? 20 1 
1 A DT 5 1_555 B DA 6  1_555 0.139  0.416  -0.320 -12.962 -10.950 3.017 5 A_DT5:DA16_B A 5 ? B 16 ? ?  ? 
1 A DA 6 1_555 B DT 5  1_555 0.237  0.123  -0.603 -1.465  -15.633 0.632 6 A_DA6:DT15_B A 6 ? B 15 ? 20 1 
# 
loop_
_ndb_struct_na_base_pair_step.model_number 
_ndb_struct_na_base_pair_step.i_label_asym_id_1 
_ndb_struct_na_base_pair_step.i_label_comp_id_1 
_ndb_struct_na_base_pair_step.i_label_seq_id_1 
_ndb_struct_na_base_pair_step.i_symmetry_1 
_ndb_struct_na_base_pair_step.j_label_asym_id_1 
_ndb_struct_na_base_pair_step.j_label_comp_id_1 
_ndb_struct_na_base_pair_step.j_label_seq_id_1 
_ndb_struct_na_base_pair_step.j_symmetry_1 
_ndb_struct_na_base_pair_step.i_label_asym_id_2 
_ndb_struct_na_base_pair_step.i_label_comp_id_2 
_ndb_struct_na_base_pair_step.i_label_seq_id_2 
_ndb_struct_na_base_pair_step.i_symmetry_2 
_ndb_struct_na_base_pair_step.j_label_asym_id_2 
_ndb_struct_na_base_pair_step.j_label_comp_id_2 
_ndb_struct_na_base_pair_step.j_label_seq_id_2 
_ndb_struct_na_base_pair_step.j_symmetry_2 
_ndb_struct_na_base_pair_step.shift 
_ndb_struct_na_base_pair_step.slide 
_ndb_struct_na_base_pair_step.rise 
_ndb_struct_na_base_pair_step.tilt 
_ndb_struct_na_base_pair_step.roll 
_ndb_struct_na_base_pair_step.twist 
_ndb_struct_na_base_pair_step.x_displacement 
_ndb_struct_na_base_pair_step.y_displacement 
_ndb_struct_na_base_pair_step.helical_rise 
_ndb_struct_na_base_pair_step.inclination 
_ndb_struct_na_base_pair_step.tip 
_ndb_struct_na_base_pair_step.helical_twist 
_ndb_struct_na_base_pair_step.step_number 
_ndb_struct_na_base_pair_step.step_name 
_ndb_struct_na_base_pair_step.i_auth_asym_id_1 
_ndb_struct_na_base_pair_step.i_auth_seq_id_1 
_ndb_struct_na_base_pair_step.i_PDB_ins_code_1 
_ndb_struct_na_base_pair_step.j_auth_asym_id_1 
_ndb_struct_na_base_pair_step.j_auth_seq_id_1 
_ndb_struct_na_base_pair_step.j_PDB_ins_code_1 
_ndb_struct_na_base_pair_step.i_auth_asym_id_2 
_ndb_struct_na_base_pair_step.i_auth_seq_id_2 
_ndb_struct_na_base_pair_step.i_PDB_ins_code_2 
_ndb_struct_na_base_pair_step.j_auth_asym_id_2 
_ndb_struct_na_base_pair_step.j_auth_seq_id_2 
_ndb_struct_na_base_pair_step.j_PDB_ins_code_2 
1 A DC 1 1_555 B DG 10 1_555 A DC 2 1_555 B DG 9 1_555 0.871  2.137  3.239 1.030   4.305  40.730 2.572  -1.129 3.457 6.163   
-1.475 40.960 1 AA_DC1DC2:DG19DG20_BB A 1 ? B 20 ? A 2 ? B 19 ? 
1 A DC 2 1_555 B DG 9  1_555 A DG 3 1_555 B DC 8 1_555 -0.147 2.681  2.907 6.071   -6.415 36.555 4.847  0.876  2.366 -10.048 
-9.510 37.572 2 AA_DC2DG3:DC18DG19_BB A 2 ? B 19 ? A 3 ? B 18 ? 
1 A DG 3 1_555 B DC 8  1_555 A DA 4 1_555 B DU 7 1_555 -0.647 1.757  4.277 -10.406 3.964  42.603 1.838  -0.470 4.447 5.347   
14.037 43.968 3 AA_DG3DA4:DU17DC18_BB A 3 ? B 18 ? A 4 ? B 17 ? 
1 A DA 4 1_555 B DU 7  1_555 A DT 5 1_555 B DA 6 1_555 -0.109 -0.001 3.272 4.138   5.207  34.626 -0.775 0.795  3.204 8.649   
-6.873 35.239 4 AA_DA4DT5:DA16DU17_BB A 4 ? B 17 ? A 5 ? B 16 ? 
1 A DT 5 1_555 B DA 6  1_555 A DA 6 1_555 B DT 5 1_555 0.160  1.166  3.233 3.493   -0.285 34.630 1.992  0.259  3.224 -0.477  
-5.849 34.801 5 AA_DT5DA6:DT15DA16_BB A 5 ? B 16 ? A 6 ? B 15 ? 
# 
loop_
_pdbx_entity_nonpoly.entity_id 
_pdbx_entity_nonpoly.name 
_pdbx_entity_nonpoly.comp_id 
3 'SODIUM ION' NA  
4 water        HOH 
# 
_pdbx_initial_refinement_model.id               1 
_pdbx_initial_refinement_model.entity_id_list   ? 
_pdbx_initial_refinement_model.type             'experimental model' 
_pdbx_initial_refinement_model.source_name      PDB 
_pdbx_initial_refinement_model.accession_code   1P54 
_pdbx_initial_refinement_model.details          ? 
# 
